data_3LVT
#
_entry.id   3LVT
#
_cell.length_a   132.728
_cell.length_b   134.947
_cell.length_c   106.329
_cell.angle_alpha   90.00
_cell.angle_beta   90.00
_cell.angle_gamma   90.00
#
_symmetry.space_group_name_H-M   'C 2 2 21'
#
loop_
_entity.id
_entity.type
_entity.pdbx_description
1 polymer 'Glycosyl hydrolase, family 38'
2 non-polymer 'CALCIUM ION'
3 water water
#
_entity_poly.entity_id   1
_entity_poly.type   'polypeptide(L)'
_entity_poly.pdbx_seq_one_letter_code
;SNA(MSE)TKKKVYIVSHSHWDREWYLPYEEHH(MSE)RLIELVDNVLDLIENDPEFNSFHLDGQTIILDDYLQVRPEKK
EAVKKAVQAGKLKIGPFYILQDDFLISSESNVRN(MSE)LIGHLESQKWGAPVQLGYFPDTFGN(MSE)GQTPQ(MSE)
(MSE)QLANLPAAAFGRGVKPIGFDNQVLESDYSSQYSE(MSE)WWEGPDQTKIFGLLFANWYSNGNEIPSEKEAAIAFW
KQKLADVERYASTNHLL(MSE)(MSE)NGVDHQPVQRDITKAIALANELFPEYEFIHSNFDDYLKAVQEELPEDLGTVTG
ELTSQETDGWYTLANTSSARVYLKQWNTKVQRQLENIAEPLAA(MSE)AYEVTGDYPHDQFDYAWKTLLQNHPHDSICGC
SVDEVHRG(MSE)(MSE)TRFENANDVGHFLADEATRQLTEAIDTSVFPEKAHPFVLFNTSGYQKTEVVTVEVEIERLPF
YTGKPEDLYHELKQKATPDYQVIDPTGKAVASRIVKEDVRFGYDLPKDAFRQPY(MSE)AKYLTVELSVKE(MSE)APFS
WDSFALIQGETKAFEGSLLAQPATNE(MSE)ENEFIQVKIENNGSLTIADKKTGETFSKLLTFEDTGDIGNEYIFFKPTE
DQGITTENVTAEITNKENSPVKASYQIKQTV(MSE)LPVAADERLEEEQKAVREFRERLAQRSTTLRPFEITT(MSE)VT
(MSE)IKESNQLFFETTINNQIKDHRLRVLFPTG(MSE)VTETHEADSIYEVVTRPNQVSDTWENPTNPQHQQAFVNVHD
QNKGVTIFNEGLNEYEVLADGTIAVTLIRCVGELGDWGYFATPEAQCQGEYTFKYGLSLHGKPEERFATYQQAYSAQIPF
TAATTARHEGKLAPNHVYLTTAEGPIGWTAVKRQEQTNHLVVRGFNLTAQNIPCELHKETQPATCLTNVLEEPLTPAIEV
DAPLRPFEIRTWRFEK
;
_entity_poly.pdbx_strand_id   A
#
loop_
_chem_comp.id
_chem_comp.type
_chem_comp.name
_chem_comp.formula
CA non-polymer 'CALCIUM ION' 'Ca 2'
#
# COMPACT_ATOMS: atom_id res chain seq x y z
N ALA A 3 -51.38 -8.84 25.21
CA ALA A 3 -51.10 -9.28 23.80
C ALA A 3 -49.73 -8.80 23.34
N MSE A 4 -48.78 -9.72 23.34
CA MSE A 4 -47.40 -9.39 23.04
C MSE A 4 -46.88 -10.29 21.94
O MSE A 4 -47.59 -11.20 21.48
CB MSE A 4 -46.50 -9.62 24.25
CG MSE A 4 -46.98 -9.06 25.55
SE MSE A 4 -45.75 -9.80 26.86
CE MSE A 4 -46.47 -8.95 28.49
N THR A 5 -45.65 -10.03 21.52
CA THR A 5 -44.95 -10.94 20.62
C THR A 5 -43.59 -11.37 21.18
N LYS A 6 -43.25 -12.64 21.00
CA LYS A 6 -42.03 -13.18 21.54
C LYS A 6 -40.77 -12.73 20.80
N LYS A 7 -39.69 -12.60 21.54
CA LYS A 7 -38.40 -12.21 20.98
C LYS A 7 -37.34 -13.22 21.35
N LYS A 8 -36.42 -13.44 20.40
CA LYS A 8 -35.25 -14.28 20.65
C LYS A 8 -34.02 -13.40 20.83
N VAL A 9 -33.31 -13.62 21.93
CA VAL A 9 -32.06 -12.93 22.22
C VAL A 9 -30.84 -13.83 21.99
N TYR A 10 -30.00 -13.50 21.02
CA TYR A 10 -28.83 -14.31 20.73
C TYR A 10 -27.63 -13.74 21.48
N ILE A 11 -27.16 -14.41 22.52
CA ILE A 11 -25.95 -14.00 23.20
C ILE A 11 -24.72 -14.62 22.54
N VAL A 12 -23.91 -13.77 21.91
CA VAL A 12 -22.71 -14.20 21.22
C VAL A 12 -21.45 -13.76 21.97
N SER A 13 -20.67 -14.76 22.36
CA SER A 13 -19.46 -14.55 23.10
C SER A 13 -18.30 -14.33 22.14
N HIS A 14 -17.46 -13.35 22.46
CA HIS A 14 -16.34 -12.95 21.62
C HIS A 14 -15.34 -12.17 22.46
N SER A 15 -14.13 -11.99 21.95
CA SER A 15 -13.11 -11.21 22.66
C SER A 15 -13.33 -9.71 22.54
N HIS A 16 -13.24 -9.01 23.66
CA HIS A 16 -13.17 -7.55 23.67
C HIS A 16 -12.13 -7.17 24.72
N TRP A 17 -11.03 -6.58 24.24
CA TRP A 17 -9.76 -6.47 24.98
C TRP A 17 -8.99 -5.18 24.64
N TYR A 22 -0.32 0.51 22.63
CA TYR A 22 -0.19 0.90 24.06
C TYR A 22 0.79 -0.01 24.82
N LEU A 23 0.77 -1.30 24.47
CA LEU A 23 1.64 -2.34 25.04
C LEU A 23 2.59 -2.94 24.00
N PRO A 24 3.83 -3.30 24.41
CA PRO A 24 4.78 -3.99 23.52
C PRO A 24 4.25 -5.32 23.02
N TYR A 25 4.68 -5.72 21.83
CA TYR A 25 4.11 -6.87 21.16
C TYR A 25 3.97 -8.08 22.08
N GLU A 26 5.04 -8.44 22.78
CA GLU A 26 5.05 -9.65 23.59
C GLU A 26 4.08 -9.60 24.76
N GLU A 27 3.92 -8.42 25.35
CA GLU A 27 3.02 -8.29 26.49
C GLU A 27 1.59 -8.65 26.08
N HIS A 28 1.17 -8.17 24.91
CA HIS A 28 -0.13 -8.55 24.34
C HIS A 28 -0.15 -10.00 23.89
N HIS A 29 1.00 -10.53 23.48
CA HIS A 29 1.11 -11.92 23.05
C HIS A 29 0.94 -12.89 24.24
N MSE A 30 1.56 -12.57 25.37
CA MSE A 30 1.40 -13.44 26.54
C MSE A 30 -0.05 -13.47 27.01
O MSE A 30 -0.58 -14.53 27.33
CB MSE A 30 2.38 -13.07 27.64
CG MSE A 30 3.83 -13.33 27.30
SE MSE A 30 4.19 -15.10 26.50
CE MSE A 30 4.03 -14.78 24.56
N ARG A 31 -0.71 -12.32 26.96
CA ARG A 31 -2.10 -12.25 27.41
C ARG A 31 -3.02 -13.00 26.46
N LEU A 32 -2.70 -12.96 25.17
CA LEU A 32 -3.41 -13.73 24.18
C LEU A 32 -3.43 -15.18 24.65
N ILE A 33 -2.24 -15.71 24.96
CA ILE A 33 -2.11 -17.09 25.40
C ILE A 33 -3.09 -17.38 26.52
N GLU A 34 -3.17 -16.48 27.50
CA GLU A 34 -4.11 -16.64 28.61
C GLU A 34 -5.58 -16.61 28.18
N LEU A 35 -5.97 -15.61 27.40
CA LEU A 35 -7.34 -15.57 26.91
C LEU A 35 -7.73 -16.89 26.23
N VAL A 36 -6.89 -17.36 25.31
CA VAL A 36 -7.20 -18.57 24.56
C VAL A 36 -7.21 -19.80 25.46
N ASP A 37 -6.34 -19.81 26.47
CA ASP A 37 -6.44 -20.82 27.53
C ASP A 37 -7.86 -20.91 28.07
N ASN A 38 -8.40 -19.78 28.57
CA ASN A 38 -9.71 -19.79 29.20
C ASN A 38 -10.84 -20.18 28.25
N VAL A 39 -10.82 -19.61 27.06
CA VAL A 39 -11.79 -19.95 26.02
C VAL A 39 -11.83 -21.45 25.86
N LEU A 40 -10.66 -22.07 25.72
CA LEU A 40 -10.58 -23.51 25.51
C LEU A 40 -10.97 -24.32 26.76
N ASP A 41 -10.76 -23.75 27.95
CA ASP A 41 -11.15 -24.38 29.21
C ASP A 41 -12.68 -24.51 29.25
N LEU A 42 -13.40 -23.47 28.83
CA LEU A 42 -14.88 -23.52 28.77
C LEU A 42 -15.38 -24.50 27.72
N ILE A 43 -14.78 -24.43 26.53
CA ILE A 43 -15.16 -25.32 25.45
C ILE A 43 -15.10 -26.76 25.91
N GLU A 44 -14.05 -27.13 26.65
CA GLU A 44 -13.88 -28.51 27.12
C GLU A 44 -14.79 -28.86 28.31
N ASN A 45 -14.89 -27.95 29.26
CA ASN A 45 -15.61 -28.18 30.52
C ASN A 45 -17.14 -28.07 30.44
N ASP A 46 -17.64 -27.03 29.76
CA ASP A 46 -19.06 -26.66 29.81
C ASP A 46 -19.84 -27.13 28.57
N PRO A 47 -20.65 -28.18 28.73
CA PRO A 47 -21.23 -28.80 27.56
C PRO A 47 -22.28 -27.91 26.92
N GLU A 48 -22.86 -27.01 27.72
CA GLU A 48 -23.90 -26.08 27.29
C GLU A 48 -23.34 -24.90 26.47
N PHE A 49 -22.03 -24.68 26.57
CA PHE A 49 -21.35 -23.60 25.89
C PHE A 49 -21.41 -23.83 24.38
N ASN A 50 -22.10 -22.95 23.69
CA ASN A 50 -22.31 -23.09 22.25
C ASN A 50 -21.02 -22.94 21.47
N SER A 51 -20.37 -21.79 21.61
CA SER A 51 -19.18 -21.45 20.84
C SER A 51 -18.53 -20.15 21.30
N PHE A 52 -17.32 -19.92 20.86
CA PHE A 52 -16.70 -18.63 21.04
C PHE A 52 -16.28 -18.05 19.70
N HIS A 53 -16.31 -16.75 19.58
CA HIS A 53 -15.96 -16.11 18.34
C HIS A 53 -14.57 -15.54 18.37
N LEU A 54 -13.69 -16.16 17.60
CA LEU A 54 -12.29 -15.89 17.68
C LEU A 54 -11.86 -14.74 16.83
N ASP A 55 -12.61 -13.68 16.85
CA ASP A 55 -12.08 -12.39 16.57
C ASP A 55 -11.76 -12.05 15.12
N GLY A 56 -12.21 -12.85 14.18
CA GLY A 56 -12.12 -12.54 12.77
C GLY A 56 -10.82 -12.78 12.03
N GLN A 57 -9.87 -13.41 12.70
CA GLN A 57 -8.48 -13.53 12.26
C GLN A 57 -7.82 -14.81 12.70
N THR A 58 -7.25 -15.50 11.71
CA THR A 58 -6.75 -16.85 11.90
C THR A 58 -5.42 -16.83 12.62
N ILE A 59 -4.71 -15.70 12.49
CA ILE A 59 -3.36 -15.63 13.01
C ILE A 59 -3.33 -15.96 14.50
N ILE A 60 -4.43 -15.69 15.19
CA ILE A 60 -4.56 -15.98 16.62
C ILE A 60 -4.24 -17.46 16.96
N LEU A 61 -4.55 -18.38 16.07
CA LEU A 61 -4.19 -19.78 16.31
C LEU A 61 -2.68 -19.99 16.18
N ASP A 62 -2.12 -19.47 15.09
CA ASP A 62 -0.66 -19.41 14.89
C ASP A 62 0.06 -18.88 16.11
N ASP A 63 -0.35 -17.72 16.60
CA ASP A 63 0.32 -17.07 17.71
C ASP A 63 0.13 -17.91 18.97
N TYR A 64 -1.06 -18.50 19.10
CA TYR A 64 -1.32 -19.35 20.24
C TYR A 64 -0.45 -20.59 20.19
N LEU A 65 -0.44 -21.25 19.03
CA LEU A 65 0.21 -22.56 18.91
C LEU A 65 1.72 -22.49 18.86
N GLN A 66 2.27 -21.31 18.56
CA GLN A 66 3.71 -21.18 18.53
C GLN A 66 4.29 -21.13 19.97
N VAL A 67 3.42 -20.76 20.91
CA VAL A 67 3.77 -20.80 22.33
C VAL A 67 3.30 -22.12 22.94
N ARG A 68 2.18 -22.65 22.44
CA ARG A 68 1.50 -23.76 23.10
C ARG A 68 1.12 -24.90 22.13
N PRO A 69 2.10 -25.51 21.42
CA PRO A 69 1.81 -26.43 20.30
C PRO A 69 1.07 -27.73 20.68
N GLU A 70 1.22 -28.15 21.93
CA GLU A 70 0.56 -29.37 22.41
C GLU A 70 -0.95 -29.28 22.27
N LYS A 71 -1.48 -28.06 22.21
CA LYS A 71 -2.92 -27.86 22.20
C LYS A 71 -3.50 -27.87 20.78
N LYS A 72 -2.69 -28.17 19.76
CA LYS A 72 -3.21 -28.25 18.40
C LYS A 72 -4.43 -29.18 18.30
N GLU A 73 -4.32 -30.37 18.91
CA GLU A 73 -5.42 -31.33 18.91
C GLU A 73 -6.72 -30.73 19.44
N ALA A 74 -6.64 -30.10 20.62
CA ALA A 74 -7.78 -29.42 21.24
C ALA A 74 -8.33 -28.32 20.35
N VAL A 75 -7.44 -27.69 19.59
CA VAL A 75 -7.83 -26.61 18.71
C VAL A 75 -8.57 -27.13 17.48
N LYS A 76 -8.00 -28.13 16.80
CA LYS A 76 -8.65 -28.76 15.64
C LYS A 76 -10.05 -29.25 15.99
N LYS A 77 -10.16 -29.91 17.15
CA LYS A 77 -11.44 -30.44 17.61
C LYS A 77 -12.49 -29.32 17.68
N ALA A 78 -12.20 -28.28 18.46
CA ALA A 78 -13.14 -27.18 18.69
C ALA A 78 -13.49 -26.39 17.44
N VAL A 79 -12.53 -26.22 16.54
CA VAL A 79 -12.87 -25.65 15.23
C VAL A 79 -13.81 -26.61 14.47
N GLN A 80 -13.50 -27.90 14.48
CA GLN A 80 -14.29 -28.88 13.72
C GLN A 80 -15.71 -29.10 14.24
N ALA A 81 -15.89 -29.07 15.56
CA ALA A 81 -17.20 -29.11 16.19
C ALA A 81 -17.97 -27.76 16.12
N GLY A 82 -17.37 -26.77 15.48
CA GLY A 82 -17.95 -25.43 15.36
C GLY A 82 -18.09 -24.70 16.68
N LYS A 83 -17.27 -25.07 17.66
CA LYS A 83 -17.26 -24.46 18.98
C LYS A 83 -16.30 -23.25 19.05
N LEU A 84 -15.35 -23.20 18.13
CA LEU A 84 -14.50 -22.03 17.93
C LEU A 84 -14.74 -21.51 16.52
N LYS A 85 -15.06 -20.23 16.39
CA LYS A 85 -15.38 -19.68 15.08
C LYS A 85 -14.24 -18.74 14.68
N ILE A 86 -13.53 -19.14 13.64
CA ILE A 86 -12.29 -18.50 13.24
C ILE A 86 -12.33 -17.92 11.83
N GLY A 87 -11.56 -16.86 11.59
CA GLY A 87 -11.52 -16.25 10.28
C GLY A 87 -12.58 -15.16 10.16
N PRO A 88 -12.82 -14.65 8.94
CA PRO A 88 -12.23 -15.17 7.70
C PRO A 88 -10.93 -14.49 7.24
N PHE A 89 -10.47 -13.46 7.94
CA PHE A 89 -9.22 -12.79 7.58
C PHE A 89 -8.04 -13.51 8.20
N TYR A 90 -6.85 -13.27 7.68
CA TYR A 90 -5.65 -13.75 8.34
C TYR A 90 -5.37 -12.87 9.57
N ILE A 91 -5.48 -11.55 9.36
CA ILE A 91 -5.26 -10.58 10.39
C ILE A 91 -6.21 -9.42 10.23
N LEU A 92 -6.58 -8.80 11.35
CA LEU A 92 -7.39 -7.61 11.30
C LEU A 92 -6.52 -6.45 10.83
N GLN A 93 -6.94 -5.84 9.71
CA GLN A 93 -6.12 -4.88 9.00
C GLN A 93 -6.59 -3.45 9.15
N ASP A 94 -5.66 -2.53 9.36
CA ASP A 94 -5.95 -1.13 9.16
C ASP A 94 -6.11 -0.88 7.65
N ASP A 95 -7.31 -1.09 7.15
CA ASP A 95 -7.54 -1.21 5.70
C ASP A 95 -7.16 0.00 4.82
N PHE A 96 -7.64 1.19 5.18
CA PHE A 96 -7.33 2.44 4.44
C PHE A 96 -5.85 2.57 4.11
N LEU A 97 -4.99 2.21 5.06
CA LEU A 97 -3.57 2.50 4.96
C LEU A 97 -2.76 1.61 4.02
N ILE A 98 -3.20 0.37 3.82
CA ILE A 98 -2.44 -0.60 3.02
C ILE A 98 -2.89 -0.67 1.57
N SER A 99 -2.14 -1.38 0.73
CA SER A 99 -2.50 -1.47 -0.69
C SER A 99 -3.81 -2.24 -0.94
N SER A 100 -4.35 -2.03 -2.14
CA SER A 100 -5.51 -2.80 -2.63
C SER A 100 -5.29 -4.29 -2.50
N GLU A 101 -4.13 -4.76 -2.95
CA GLU A 101 -3.80 -6.17 -2.94
C GLU A 101 -3.63 -6.74 -1.54
N SER A 102 -2.95 -6.01 -0.65
CA SER A 102 -2.80 -6.45 0.77
C SER A 102 -4.16 -6.83 1.39
N ASN A 103 -5.19 -6.01 1.20
CA ASN A 103 -6.56 -6.36 1.62
C ASN A 103 -7.05 -7.68 1.03
N VAL A 104 -6.92 -7.81 -0.30
CA VAL A 104 -7.30 -9.05 -0.97
C VAL A 104 -6.50 -10.17 -0.37
N ARG A 105 -5.17 -10.03 -0.31
CA ARG A 105 -4.34 -11.15 0.13
C ARG A 105 -4.64 -11.58 1.56
N ASN A 106 -5.11 -10.64 2.37
CA ASN A 106 -5.50 -10.93 3.73
C ASN A 106 -6.62 -11.95 3.70
N MSE A 107 -7.60 -11.71 2.84
CA MSE A 107 -8.76 -12.57 2.67
C MSE A 107 -8.39 -13.90 2.02
O MSE A 107 -8.95 -14.94 2.38
CB MSE A 107 -9.83 -11.87 1.81
CG MSE A 107 -10.60 -10.77 2.52
SE MSE A 107 -11.80 -9.79 1.31
CE MSE A 107 -12.14 -8.16 2.38
N LEU A 108 -7.48 -13.87 1.07
CA LEU A 108 -7.05 -15.09 0.41
C LEU A 108 -6.38 -16.00 1.41
N ILE A 109 -5.39 -15.48 2.13
CA ILE A 109 -4.73 -16.21 3.19
C ILE A 109 -5.75 -16.67 4.26
N GLY A 110 -6.56 -15.74 4.75
CA GLY A 110 -7.61 -16.04 5.72
C GLY A 110 -8.45 -17.23 5.30
N HIS A 111 -8.93 -17.19 4.06
CA HIS A 111 -9.68 -18.30 3.46
C HIS A 111 -8.89 -19.62 3.50
N LEU A 112 -7.71 -19.65 2.89
CA LEU A 112 -6.94 -20.89 2.80
C LEU A 112 -6.59 -21.50 4.15
N GLU A 113 -6.33 -20.64 5.12
CA GLU A 113 -6.07 -21.06 6.50
C GLU A 113 -7.31 -21.67 7.16
N SER A 114 -8.48 -21.12 6.85
CA SER A 114 -9.73 -21.69 7.33
C SER A 114 -10.01 -23.10 6.76
N GLN A 115 -9.70 -23.31 5.48
CA GLN A 115 -9.81 -24.63 4.88
C GLN A 115 -8.85 -25.62 5.57
N LYS A 116 -7.66 -25.15 5.91
CA LYS A 116 -6.71 -26.02 6.56
C LYS A 116 -7.27 -26.55 7.88
N TRP A 117 -8.12 -25.76 8.55
CA TRP A 117 -8.74 -26.18 9.80
C TRP A 117 -10.07 -26.90 9.60
N GLY A 118 -10.60 -26.88 8.39
CA GLY A 118 -11.94 -27.39 8.12
C GLY A 118 -13.02 -26.43 8.62
N ALA A 119 -12.59 -25.23 9.00
CA ALA A 119 -13.52 -24.17 9.37
C ALA A 119 -14.38 -23.73 8.16
N PRO A 120 -15.69 -23.54 8.39
CA PRO A 120 -16.52 -22.91 7.38
C PRO A 120 -16.31 -21.41 7.47
N VAL A 121 -16.71 -20.71 6.43
CA VAL A 121 -16.52 -19.28 6.32
C VAL A 121 -17.38 -18.48 7.31
N GLN A 122 -16.73 -17.61 8.07
CA GLN A 122 -17.39 -16.65 8.95
C GLN A 122 -17.66 -15.34 8.24
N LEU A 123 -18.59 -14.55 8.77
CA LEU A 123 -18.76 -13.19 8.31
C LEU A 123 -17.45 -12.41 8.43
N GLY A 124 -17.32 -11.36 7.61
CA GLY A 124 -16.26 -10.37 7.79
C GLY A 124 -16.50 -9.66 9.10
N TYR A 125 -15.44 -9.34 9.81
CA TYR A 125 -15.56 -8.85 11.17
C TYR A 125 -14.78 -7.56 11.34
N PHE A 126 -15.46 -6.50 11.80
CA PHE A 126 -14.85 -5.18 11.90
C PHE A 126 -15.18 -4.54 13.23
N PRO A 127 -14.49 -4.95 14.31
CA PRO A 127 -14.78 -4.48 15.66
C PRO A 127 -14.42 -3.02 15.97
N ASP A 128 -13.45 -2.46 15.24
CA ASP A 128 -12.96 -1.09 15.51
C ASP A 128 -13.21 -0.10 14.38
N THR A 129 -12.77 -0.45 13.17
CA THR A 129 -12.91 0.41 11.99
C THR A 129 -12.84 -0.43 10.71
N MSE A 133 -13.39 2.29 3.23
CA MSE A 133 -13.15 1.97 1.80
C MSE A 133 -14.37 1.44 1.06
O MSE A 133 -14.93 0.40 1.40
CB MSE A 133 -11.96 1.03 1.59
CG MSE A 133 -11.60 0.15 2.78
SE MSE A 133 -10.48 -1.37 2.24
CE MSE A 133 -11.72 -2.83 2.70
N GLY A 134 -14.74 2.16 0.01
CA GLY A 134 -16.00 1.93 -0.66
C GLY A 134 -16.20 0.61 -1.36
N GLN A 135 -15.11 -0.04 -1.76
CA GLN A 135 -15.22 -1.28 -2.53
C GLN A 135 -15.35 -2.51 -1.65
N THR A 136 -15.49 -2.32 -0.34
CA THR A 136 -15.62 -3.45 0.60
C THR A 136 -16.72 -4.42 0.19
N PRO A 137 -17.95 -3.92 -0.13
CA PRO A 137 -19.02 -4.81 -0.61
C PRO A 137 -18.59 -5.74 -1.75
N GLN A 138 -18.05 -5.22 -2.84
CA GLN A 138 -17.60 -6.06 -3.95
C GLN A 138 -16.49 -7.02 -3.53
N MSE A 139 -15.58 -6.54 -2.68
CA MSE A 139 -14.45 -7.34 -2.21
C MSE A 139 -14.90 -8.55 -1.40
O MSE A 139 -14.34 -9.62 -1.55
CB MSE A 139 -13.47 -6.48 -1.41
CG MSE A 139 -12.45 -5.73 -2.29
SE MSE A 139 -11.08 -4.72 -1.28
CE MSE A 139 -12.10 -3.12 -0.92
N MSE A 140 -15.91 -8.36 -0.56
CA MSE A 140 -16.41 -9.41 0.33
C MSE A 140 -17.10 -10.47 -0.49
O MSE A 140 -16.83 -11.67 -0.33
CB MSE A 140 -17.36 -8.83 1.35
CG MSE A 140 -16.96 -7.51 1.94
SE MSE A 140 -17.60 -7.26 3.77
CE MSE A 140 -16.23 -8.35 4.64
N GLN A 141 -17.98 -10.03 -1.37
CA GLN A 141 -18.69 -10.91 -2.29
C GLN A 141 -17.71 -11.71 -3.16
N LEU A 142 -16.64 -11.08 -3.63
CA LEU A 142 -15.58 -11.78 -4.31
C LEU A 142 -14.75 -12.67 -3.37
N ALA A 143 -15.08 -12.67 -2.09
CA ALA A 143 -14.45 -13.58 -1.13
C ALA A 143 -15.49 -14.46 -0.43
N ASN A 144 -16.72 -14.44 -0.96
CA ASN A 144 -17.86 -15.18 -0.41
C ASN A 144 -18.20 -14.82 1.05
N LEU A 145 -18.12 -13.54 1.38
CA LEU A 145 -18.54 -13.05 2.68
C LEU A 145 -19.73 -12.09 2.52
N PRO A 146 -20.95 -12.63 2.37
CA PRO A 146 -22.09 -11.75 2.02
C PRO A 146 -22.63 -10.97 3.23
N ALA A 147 -22.11 -11.30 4.41
CA ALA A 147 -22.39 -10.52 5.61
C ALA A 147 -21.12 -10.11 6.35
N ALA A 148 -21.20 -8.94 6.98
CA ALA A 148 -20.14 -8.45 7.86
C ALA A 148 -20.69 -7.77 9.11
N ALA A 149 -19.93 -7.78 10.19
CA ALA A 149 -20.33 -7.15 11.45
C ALA A 149 -19.41 -5.98 11.80
N PHE A 150 -20.01 -4.86 12.16
CA PHE A 150 -19.29 -3.65 12.46
C PHE A 150 -19.53 -3.28 13.91
N GLY A 151 -18.48 -2.92 14.61
CA GLY A 151 -18.58 -2.53 16.02
C GLY A 151 -19.14 -1.13 16.20
N SER A 173 -29.38 -0.72 13.29
CA SER A 173 -28.81 -1.91 13.92
C SER A 173 -28.41 -2.95 12.87
N GLU A 174 -29.13 -2.97 11.76
CA GLU A 174 -28.78 -3.84 10.66
C GLU A 174 -29.12 -3.13 9.38
N MSE A 175 -28.22 -3.15 8.40
CA MSE A 175 -28.48 -2.53 7.09
C MSE A 175 -27.68 -3.11 5.93
O MSE A 175 -26.78 -3.92 6.12
CB MSE A 175 -28.32 -1.00 7.12
CG MSE A 175 -27.18 -0.45 7.94
SE MSE A 175 -25.48 -1.34 7.62
CE MSE A 175 -24.25 0.04 8.32
N TRP A 176 -28.06 -2.71 4.73
CA TRP A 176 -27.29 -3.00 3.54
C TRP A 176 -26.23 -1.91 3.36
N TRP A 177 -25.13 -2.30 2.73
CA TRP A 177 -24.04 -1.40 2.37
C TRP A 177 -23.71 -1.71 0.94
N GLU A 178 -23.89 -0.71 0.08
CA GLU A 178 -23.62 -0.87 -1.34
C GLU A 178 -22.34 -0.15 -1.72
N GLY A 179 -21.52 -0.83 -2.51
CA GLY A 179 -20.28 -0.25 -3.04
C GLY A 179 -20.55 0.48 -4.35
N PRO A 180 -19.52 1.19 -4.87
CA PRO A 180 -19.66 1.92 -6.15
C PRO A 180 -20.17 1.06 -7.32
N ASP A 181 -19.92 -0.23 -7.29
CA ASP A 181 -20.33 -1.11 -8.35
C ASP A 181 -21.77 -1.57 -8.24
N GLN A 182 -22.53 -1.00 -7.32
CA GLN A 182 -23.88 -1.41 -7.03
C GLN A 182 -23.93 -2.81 -6.46
N THR A 183 -22.80 -3.26 -5.93
CA THR A 183 -22.70 -4.53 -5.25
C THR A 183 -23.12 -4.30 -3.82
N LYS A 184 -23.92 -5.18 -3.25
CA LYS A 184 -24.55 -4.89 -1.95
C LYS A 184 -24.26 -5.95 -0.90
N ILE A 185 -24.03 -5.52 0.34
CA ILE A 185 -23.74 -6.45 1.41
C ILE A 185 -24.62 -6.21 2.63
N PHE A 186 -25.00 -7.29 3.30
CA PHE A 186 -25.75 -7.17 4.55
C PHE A 186 -24.75 -6.88 5.67
N GLY A 187 -25.14 -6.00 6.59
CA GLY A 187 -24.24 -5.57 7.64
C GLY A 187 -24.90 -5.45 9.00
N LEU A 188 -24.18 -5.84 10.05
CA LEU A 188 -24.65 -5.68 11.41
C LEU A 188 -23.92 -4.59 12.15
N LEU A 189 -24.67 -3.67 12.74
CA LEU A 189 -24.11 -2.73 13.68
C LEU A 189 -24.28 -3.29 15.10
N PHE A 190 -23.25 -3.93 15.59
CA PHE A 190 -23.33 -4.46 16.91
C PHE A 190 -22.58 -3.56 17.81
N ALA A 191 -22.91 -3.60 19.09
CA ALA A 191 -22.29 -2.75 20.04
C ALA A 191 -22.46 -3.38 21.38
N ASN A 192 -21.41 -3.41 22.16
CA ASN A 192 -21.41 -4.09 23.43
C ASN A 192 -22.01 -3.24 24.52
N TRP A 193 -23.27 -3.50 24.82
CA TRP A 193 -24.04 -2.67 25.75
C TRP A 193 -24.06 -3.27 27.17
N ASN A 198 -19.93 -11.11 33.03
CA ASN A 198 -19.23 -10.72 34.26
C ASN A 198 -19.84 -9.47 34.93
N GLU A 199 -20.34 -8.56 34.10
CA GLU A 199 -21.18 -7.45 34.56
C GLU A 199 -22.54 -7.97 35.01
N ILE A 200 -23.05 -9.00 34.30
CA ILE A 200 -24.33 -9.65 34.62
C ILE A 200 -24.37 -10.09 36.09
N PRO A 201 -25.47 -9.77 36.80
CA PRO A 201 -25.61 -10.14 38.20
C PRO A 201 -26.04 -11.60 38.42
N SER A 202 -25.74 -12.12 39.61
CA SER A 202 -26.17 -13.47 39.97
C SER A 202 -27.55 -13.49 40.66
N GLU A 203 -28.05 -12.32 41.06
CA GLU A 203 -29.35 -12.19 41.72
C GLU A 203 -30.53 -11.90 40.79
N LYS A 204 -31.67 -12.52 41.08
CA LYS A 204 -32.91 -12.34 40.31
C LYS A 204 -33.31 -10.88 40.15
N GLU A 205 -33.46 -10.19 41.28
CA GLU A 205 -33.91 -8.79 41.27
C GLU A 205 -33.03 -7.87 40.45
N ALA A 206 -31.71 -8.01 40.63
CA ALA A 206 -30.70 -7.28 39.85
C ALA A 206 -30.76 -7.60 38.35
N ALA A 207 -30.67 -8.89 38.02
CA ALA A 207 -30.73 -9.33 36.64
C ALA A 207 -31.97 -8.81 35.90
N ILE A 208 -33.15 -8.96 36.52
CA ILE A 208 -34.39 -8.45 35.91
C ILE A 208 -34.21 -7.02 35.38
N ALA A 209 -33.82 -6.09 36.25
CA ALA A 209 -33.57 -4.70 35.84
C ALA A 209 -32.42 -4.60 34.83
N PHE A 210 -31.30 -5.27 35.13
CA PHE A 210 -30.19 -5.35 34.22
C PHE A 210 -30.69 -5.75 32.82
N TRP A 211 -31.32 -6.92 32.69
CA TRP A 211 -31.80 -7.37 31.38
C TRP A 211 -32.84 -6.43 30.81
N LYS A 212 -33.76 -5.95 31.62
CA LYS A 212 -34.81 -5.07 31.11
C LYS A 212 -34.17 -3.87 30.43
N GLN A 213 -33.05 -3.42 31.00
CA GLN A 213 -32.37 -2.24 30.51
C GLN A 213 -31.54 -2.50 29.25
N LYS A 214 -30.80 -3.60 29.23
CA LYS A 214 -30.02 -3.98 28.06
C LYS A 214 -30.98 -4.27 26.90
N LEU A 215 -32.07 -4.97 27.20
CA LEU A 215 -33.08 -5.29 26.21
C LEU A 215 -33.65 -4.03 25.56
N ALA A 216 -33.98 -3.03 26.37
CA ALA A 216 -34.43 -1.74 25.82
C ALA A 216 -33.41 -1.14 24.85
N ASP A 217 -32.14 -1.22 25.21
CA ASP A 217 -31.08 -0.68 24.37
C ASP A 217 -30.94 -1.42 23.03
N VAL A 218 -31.09 -2.74 23.06
CA VAL A 218 -31.04 -3.56 21.86
C VAL A 218 -32.22 -3.28 20.93
N GLU A 219 -33.43 -3.26 21.51
CA GLU A 219 -34.66 -3.12 20.74
C GLU A 219 -34.86 -1.74 20.15
N ARG A 220 -34.24 -0.73 20.77
CA ARG A 220 -34.24 0.62 20.23
C ARG A 220 -33.81 0.55 18.77
N TYR A 221 -32.71 -0.15 18.51
CA TYR A 221 -32.09 -0.16 17.20
C TYR A 221 -32.56 -1.33 16.31
N ALA A 222 -32.88 -2.47 16.91
CA ALA A 222 -33.31 -3.66 16.15
C ALA A 222 -34.55 -3.46 15.25
N SER A 223 -34.54 -4.11 14.10
CA SER A 223 -35.59 -3.96 13.10
C SER A 223 -36.37 -5.25 12.96
N THR A 224 -35.97 -6.28 13.71
CA THR A 224 -36.68 -7.55 13.80
C THR A 224 -36.84 -7.97 15.27
N ASN A 225 -37.45 -9.14 15.48
CA ASN A 225 -37.63 -9.66 16.83
C ASN A 225 -36.52 -10.64 17.23
N HIS A 226 -35.42 -10.53 16.47
CA HIS A 226 -34.21 -11.28 16.72
C HIS A 226 -33.10 -10.35 17.20
N LEU A 227 -32.81 -10.44 18.49
CA LEU A 227 -31.95 -9.48 19.16
C LEU A 227 -30.56 -10.02 19.39
N LEU A 228 -29.55 -9.30 18.90
CA LEU A 228 -28.17 -9.68 19.10
C LEU A 228 -27.68 -9.05 20.38
N MSE A 229 -26.98 -9.84 21.16
CA MSE A 229 -26.47 -9.43 22.42
C MSE A 229 -25.04 -9.95 22.49
O MSE A 229 -24.83 -11.13 22.74
CB MSE A 229 -27.32 -10.01 23.54
CG MSE A 229 -26.96 -9.53 24.91
SE MSE A 229 -27.68 -7.76 25.23
CE MSE A 229 -29.51 -8.26 25.76
N MSE A 230 -24.07 -9.08 22.27
CA MSE A 230 -22.68 -9.46 22.33
C MSE A 230 -22.22 -9.72 23.76
O MSE A 230 -22.52 -8.94 24.67
CB MSE A 230 -21.81 -8.38 21.70
CG MSE A 230 -22.17 -8.06 20.27
SE MSE A 230 -22.08 -9.64 19.11
CE MSE A 230 -20.14 -9.86 19.08
N ASN A 231 -21.51 -10.82 23.94
CA ASN A 231 -20.84 -11.04 25.22
C ASN A 231 -19.32 -10.99 25.14
N GLY A 232 -18.77 -9.87 25.62
CA GLY A 232 -17.34 -9.65 25.60
C GLY A 232 -16.67 -10.41 26.72
N VAL A 233 -15.40 -10.76 26.51
CA VAL A 233 -14.66 -11.51 27.52
C VAL A 233 -13.26 -10.95 27.75
N ASP A 234 -12.79 -11.19 28.98
CA ASP A 234 -11.39 -11.03 29.44
C ASP A 234 -11.37 -10.65 30.92
N ASP A 241 -19.47 -16.76 34.17
CA ASP A 241 -20.20 -18.03 34.06
C ASP A 241 -21.49 -17.86 33.23
N ILE A 242 -21.38 -18.01 31.91
CA ILE A 242 -22.44 -17.56 31.01
C ILE A 242 -23.60 -18.51 30.78
N THR A 243 -23.33 -19.81 30.84
CA THR A 243 -24.41 -20.80 30.74
C THR A 243 -25.40 -20.66 31.90
N LYS A 244 -24.87 -20.40 33.10
CA LYS A 244 -25.67 -20.16 34.28
C LYS A 244 -26.51 -18.90 34.10
N ALA A 245 -25.86 -17.80 33.73
CA ALA A 245 -26.55 -16.52 33.62
C ALA A 245 -27.60 -16.47 32.52
N ILE A 246 -27.39 -17.22 31.44
CA ILE A 246 -28.39 -17.29 30.37
C ILE A 246 -29.64 -18.02 30.84
N ALA A 247 -29.45 -19.10 31.60
CA ALA A 247 -30.55 -19.90 32.12
C ALA A 247 -31.34 -19.15 33.16
N LEU A 248 -30.67 -18.35 33.98
CA LEU A 248 -31.40 -17.42 34.83
C LEU A 248 -32.29 -16.53 33.96
N ALA A 249 -31.74 -16.02 32.86
CA ALA A 249 -32.46 -15.06 31.99
C ALA A 249 -33.71 -15.63 31.34
N ASN A 250 -33.70 -16.93 31.07
CA ASN A 250 -34.85 -17.61 30.53
C ASN A 250 -35.94 -17.90 31.53
N GLU A 251 -35.55 -18.13 32.78
CA GLU A 251 -36.49 -18.22 33.91
C GLU A 251 -37.29 -16.93 34.02
N LEU A 252 -36.64 -15.79 33.81
CA LEU A 252 -37.21 -14.48 34.16
C LEU A 252 -38.24 -13.92 33.21
N PHE A 253 -38.04 -14.14 31.91
CA PHE A 253 -38.89 -13.52 30.89
C PHE A 253 -39.68 -14.53 30.04
N PRO A 254 -41.00 -14.44 30.11
CA PRO A 254 -41.85 -15.31 29.31
C PRO A 254 -41.89 -14.87 27.83
N GLU A 255 -41.71 -13.58 27.57
CA GLU A 255 -41.70 -13.06 26.20
C GLU A 255 -40.31 -12.96 25.56
N TYR A 256 -39.30 -13.43 26.28
CA TYR A 256 -37.93 -13.44 25.76
C TYR A 256 -37.32 -14.81 25.89
N GLU A 257 -36.73 -15.29 24.81
CA GLU A 257 -36.00 -16.54 24.79
C GLU A 257 -34.55 -16.13 24.70
N PHE A 258 -33.72 -16.62 25.61
CA PHE A 258 -32.30 -16.27 25.65
C PHE A 258 -31.47 -17.45 25.22
N ILE A 259 -30.70 -17.29 24.15
CA ILE A 259 -29.93 -18.40 23.65
C ILE A 259 -28.47 -18.07 23.40
N HIS A 260 -27.60 -18.95 23.91
CA HIS A 260 -26.17 -18.84 23.65
C HIS A 260 -25.92 -19.25 22.21
N SER A 261 -25.51 -18.31 21.39
CA SER A 261 -25.47 -18.57 19.96
C SER A 261 -24.16 -18.20 19.25
N ASN A 262 -24.30 -17.85 17.97
CA ASN A 262 -23.17 -17.54 17.10
C ASN A 262 -23.67 -16.78 15.89
N PHE A 263 -22.78 -16.02 15.28
CA PHE A 263 -23.10 -15.21 14.09
C PHE A 263 -23.76 -15.99 12.95
N ASP A 264 -23.28 -17.20 12.65
CA ASP A 264 -23.84 -17.99 11.54
C ASP A 264 -25.36 -18.15 11.68
N ASP A 265 -25.75 -18.69 12.84
CA ASP A 265 -27.15 -18.93 13.19
C ASP A 265 -27.96 -17.64 13.18
N TYR A 266 -27.41 -16.59 13.80
CA TYR A 266 -28.12 -15.32 13.91
C TYR A 266 -28.30 -14.66 12.55
N LEU A 267 -27.35 -14.91 11.65
CA LEU A 267 -27.45 -14.36 10.30
C LEU A 267 -28.57 -15.02 9.51
N LYS A 268 -28.79 -16.31 9.73
CA LYS A 268 -29.80 -17.06 8.96
C LYS A 268 -31.17 -16.68 9.46
N ALA A 269 -31.29 -16.61 10.78
CA ALA A 269 -32.53 -16.24 11.47
C ALA A 269 -32.99 -14.83 11.10
N VAL A 270 -32.11 -13.86 11.27
CA VAL A 270 -32.47 -12.46 11.06
C VAL A 270 -32.75 -12.11 9.60
N GLN A 271 -32.05 -12.74 8.66
CA GLN A 271 -32.18 -12.34 7.27
C GLN A 271 -33.54 -12.73 6.67
N GLU A 272 -34.14 -13.78 7.20
CA GLU A 272 -35.44 -14.22 6.69
C GLU A 272 -36.58 -13.28 7.13
N GLU A 273 -36.35 -12.48 8.17
CA GLU A 273 -37.41 -11.63 8.73
C GLU A 273 -37.12 -10.14 8.59
N LEU A 274 -36.13 -9.79 7.76
CA LEU A 274 -35.71 -8.40 7.61
C LEU A 274 -36.78 -7.58 6.91
N PRO A 275 -37.05 -6.34 7.39
CA PRO A 275 -38.04 -5.51 6.72
C PRO A 275 -37.63 -5.18 5.28
N LEU A 278 -36.09 -1.20 4.08
CA LEU A 278 -35.39 -0.36 5.03
C LEU A 278 -33.86 -0.57 5.12
N GLY A 279 -33.13 0.55 5.09
CA GLY A 279 -31.75 0.68 5.58
C GLY A 279 -30.62 0.46 4.59
N THR A 280 -30.06 1.55 4.04
CA THR A 280 -28.90 1.43 3.14
C THR A 280 -27.85 2.53 3.34
N VAL A 281 -26.60 2.10 3.38
CA VAL A 281 -25.43 2.98 3.47
C VAL A 281 -24.60 2.82 2.19
N THR A 282 -23.94 3.88 1.74
CA THR A 282 -23.32 3.88 0.38
C THR A 282 -21.89 4.44 0.28
N GLY A 283 -20.98 3.66 -0.30
CA GLY A 283 -19.57 4.07 -0.47
C GLY A 283 -18.74 4.08 0.81
N GLU A 284 -17.91 5.11 0.99
CA GLU A 284 -17.22 5.32 2.26
C GLU A 284 -18.20 5.93 3.28
N LEU A 296 -6.85 12.42 12.34
CA LEU A 296 -7.72 11.27 12.09
C LEU A 296 -7.21 10.52 10.85
N ALA A 297 -7.03 11.29 9.77
CA ALA A 297 -6.20 10.89 8.64
C ALA A 297 -4.76 11.27 8.98
N ASN A 298 -4.57 11.80 10.20
CA ASN A 298 -3.24 12.11 10.70
C ASN A 298 -2.39 10.88 11.07
N THR A 299 -3.03 9.72 11.16
CA THR A 299 -2.28 8.47 11.17
C THR A 299 -1.60 8.22 9.81
N SER A 300 -2.18 8.72 8.72
CA SER A 300 -1.54 8.65 7.37
C SER A 300 -0.12 9.25 7.27
N SER A 301 0.23 10.14 8.20
CA SER A 301 1.51 10.81 8.16
C SER A 301 2.33 10.64 9.44
N ALA A 302 1.83 9.90 10.41
CA ALA A 302 2.65 9.55 11.57
C ALA A 302 3.71 8.51 11.17
N ARG A 303 4.96 8.78 11.53
CA ARG A 303 6.08 7.90 11.20
C ARG A 303 6.16 7.52 9.73
N VAL A 304 6.43 8.51 8.85
CA VAL A 304 6.46 8.33 7.37
C VAL A 304 7.20 7.07 6.95
N TYR A 305 8.37 6.84 7.52
CA TYR A 305 9.27 5.75 7.12
C TYR A 305 8.61 4.37 7.13
N LEU A 306 7.66 4.16 8.04
CA LEU A 306 6.90 2.92 8.04
C LEU A 306 6.01 2.88 6.79
N LYS A 307 5.39 3.99 6.42
CA LYS A 307 4.57 4.05 5.20
C LYS A 307 5.42 3.84 3.96
N GLN A 308 6.61 4.44 3.96
CA GLN A 308 7.56 4.29 2.87
C GLN A 308 8.01 2.85 2.67
N TRP A 309 8.44 2.22 3.76
CA TRP A 309 8.76 0.79 3.77
C TRP A 309 7.60 -0.09 3.30
N ASN A 310 6.40 0.15 3.85
CA ASN A 310 5.25 -0.62 3.47
C ASN A 310 4.99 -0.57 1.97
N THR A 311 4.99 0.64 1.43
CA THR A 311 4.83 0.81 0.00
C THR A 311 5.84 0.00 -0.78
N LYS A 312 7.11 0.05 -0.34
CA LYS A 312 8.25 -0.56 -1.03
C LYS A 312 8.15 -2.08 -1.10
N VAL A 313 7.82 -2.73 0.00
CA VAL A 313 7.69 -4.18 -0.02
C VAL A 313 6.40 -4.66 -0.69
N GLN A 314 5.31 -3.93 -0.50
CA GLN A 314 4.08 -4.17 -1.27
C GLN A 314 4.41 -4.20 -2.79
N ARG A 315 4.96 -3.10 -3.31
CA ARG A 315 5.35 -3.01 -4.72
C ARG A 315 6.37 -4.08 -5.12
N GLN A 316 7.23 -4.49 -4.17
CA GLN A 316 8.25 -5.52 -4.43
C GLN A 316 7.60 -6.88 -4.63
N LEU A 317 6.51 -7.14 -3.91
CA LEU A 317 5.86 -8.43 -3.99
C LEU A 317 4.85 -8.44 -5.12
N GLU A 318 3.97 -7.43 -5.14
CA GLU A 318 2.89 -7.36 -6.10
C GLU A 318 3.33 -7.07 -7.55
N ASN A 319 4.34 -6.22 -7.71
CA ASN A 319 4.67 -5.68 -9.04
C ASN A 319 5.97 -6.15 -9.60
N ILE A 320 6.82 -6.74 -8.75
CA ILE A 320 8.12 -7.21 -9.20
C ILE A 320 8.19 -8.72 -9.09
N ALA A 321 8.22 -9.21 -7.86
CA ALA A 321 8.53 -10.63 -7.63
C ALA A 321 7.44 -11.53 -8.17
N GLU A 322 6.20 -11.23 -7.84
CA GLU A 322 5.10 -12.05 -8.33
C GLU A 322 5.00 -12.22 -9.84
N PRO A 323 4.98 -11.12 -10.65
CA PRO A 323 4.89 -11.24 -12.10
C PRO A 323 6.08 -11.96 -12.73
N LEU A 324 7.26 -11.84 -12.11
CA LEU A 324 8.47 -12.42 -12.68
C LEU A 324 8.52 -13.91 -12.46
N ALA A 325 8.11 -14.32 -11.26
CA ALA A 325 7.99 -15.72 -10.89
C ALA A 325 6.94 -16.35 -11.80
N ALA A 326 5.81 -15.66 -11.93
CA ALA A 326 4.75 -16.13 -12.78
C ALA A 326 5.19 -16.40 -14.24
N MSE A 327 6.04 -15.52 -14.80
CA MSE A 327 6.67 -15.76 -16.09
C MSE A 327 7.73 -16.85 -16.01
O MSE A 327 7.88 -17.66 -16.92
CB MSE A 327 7.31 -14.50 -16.66
CG MSE A 327 6.37 -13.59 -17.43
SE MSE A 327 7.17 -11.80 -17.61
CE MSE A 327 5.58 -10.75 -18.01
N ALA A 328 8.50 -16.89 -14.93
CA ALA A 328 9.56 -17.87 -14.81
C ALA A 328 9.02 -19.29 -14.79
N TYR A 329 7.79 -19.47 -14.32
CA TYR A 329 7.16 -20.78 -14.28
C TYR A 329 7.05 -21.40 -15.70
N GLU A 330 6.74 -20.58 -16.70
CA GLU A 330 6.67 -21.05 -18.09
C GLU A 330 7.89 -21.87 -18.44
N VAL A 331 9.06 -21.34 -18.06
CA VAL A 331 10.31 -22.03 -18.33
C VAL A 331 10.58 -23.14 -17.31
N THR A 332 10.36 -22.87 -16.03
CA THR A 332 10.94 -23.72 -15.01
C THR A 332 9.99 -24.83 -14.53
N GLY A 333 8.70 -24.65 -14.74
CA GLY A 333 7.70 -25.57 -14.20
C GLY A 333 7.47 -25.49 -12.69
N ASP A 334 8.07 -24.53 -12.01
CA ASP A 334 7.79 -24.29 -10.58
C ASP A 334 7.43 -22.84 -10.30
N TYR A 335 6.72 -22.65 -9.21
CA TYR A 335 6.35 -21.34 -8.73
C TYR A 335 6.46 -21.41 -7.21
N PRO A 336 7.19 -20.46 -6.58
CA PRO A 336 7.48 -20.60 -5.15
C PRO A 336 6.30 -20.18 -4.28
N HIS A 337 5.23 -20.97 -4.30
CA HIS A 337 4.02 -20.61 -3.59
C HIS A 337 4.27 -20.41 -2.09
N ASP A 338 5.01 -21.34 -1.50
CA ASP A 338 5.16 -21.37 -0.06
C ASP A 338 5.94 -20.19 0.49
N GLN A 339 7.01 -19.80 -0.21
CA GLN A 339 7.81 -18.63 0.13
C GLN A 339 7.01 -17.34 0.01
N PHE A 340 6.26 -17.19 -1.08
CA PHE A 340 5.36 -16.04 -1.22
C PHE A 340 4.39 -15.93 -0.06
N ASP A 341 3.75 -17.05 0.30
CA ASP A 341 2.78 -17.12 1.37
C ASP A 341 3.43 -16.61 2.66
N TYR A 342 4.67 -17.04 2.89
CA TYR A 342 5.50 -16.61 4.01
C TYR A 342 5.85 -15.12 3.97
N ALA A 343 6.13 -14.61 2.76
CA ALA A 343 6.49 -13.21 2.61
C ALA A 343 5.29 -12.36 2.98
N TRP A 344 4.14 -12.68 2.38
CA TRP A 344 2.92 -11.95 2.61
C TRP A 344 2.45 -11.96 4.07
N LYS A 345 2.57 -13.08 4.76
CA LYS A 345 2.19 -13.16 6.17
C LYS A 345 3.04 -12.19 6.99
N THR A 346 4.35 -12.23 6.73
CA THR A 346 5.31 -11.40 7.44
C THR A 346 4.94 -9.94 7.28
N LEU A 347 4.71 -9.52 6.04
CA LEU A 347 4.27 -8.17 5.71
C LEU A 347 2.97 -7.77 6.37
N LEU A 348 2.01 -8.67 6.34
CA LEU A 348 0.67 -8.43 6.86
C LEU A 348 0.69 -8.35 8.38
N GLN A 349 1.64 -9.00 9.03
CA GLN A 349 1.80 -8.82 10.46
C GLN A 349 2.11 -7.37 10.85
N ASN A 350 2.42 -6.55 9.87
CA ASN A 350 2.60 -5.13 10.11
C ASN A 350 1.36 -4.30 9.80
N HIS A 351 0.23 -4.96 9.66
CA HIS A 351 -0.94 -4.32 9.08
C HIS A 351 -2.13 -4.01 9.96
N PRO A 352 -2.05 -4.27 11.25
CA PRO A 352 -3.16 -4.02 12.13
C PRO A 352 -3.51 -2.57 12.33
N HIS A 353 -4.62 -2.35 13.02
CA HIS A 353 -5.16 -1.02 13.31
C HIS A 353 -4.43 -0.26 14.40
N ASP A 354 -3.45 -0.88 15.04
CA ASP A 354 -2.54 -0.14 15.91
C ASP A 354 -1.05 -0.27 15.57
N SER A 355 -0.71 -0.69 14.36
CA SER A 355 0.71 -0.81 14.00
C SER A 355 1.16 0.02 12.77
N ILE A 356 0.56 -0.19 11.60
CA ILE A 356 0.95 0.55 10.36
C ILE A 356 0.64 2.04 10.42
N CYS A 357 -0.38 2.38 11.20
CA CYS A 357 -0.75 3.76 11.54
C CYS A 357 0.37 4.54 12.24
N GLY A 358 1.40 3.82 12.72
CA GLY A 358 2.49 4.42 13.46
C GLY A 358 1.98 4.99 14.77
N CYS A 359 0.83 4.48 15.20
CA CYS A 359 0.05 5.11 16.24
C CYS A 359 0.13 4.32 17.56
N SER A 360 1.30 3.76 17.82
CA SER A 360 1.54 2.95 19.02
C SER A 360 2.88 3.33 19.70
N VAL A 361 3.49 2.36 20.38
CA VAL A 361 4.65 2.59 21.25
C VAL A 361 5.97 2.23 20.53
N ASP A 362 7.09 2.86 20.92
CA ASP A 362 8.36 2.76 20.17
C ASP A 362 8.81 1.34 19.82
N GLU A 363 8.84 0.47 20.82
CA GLU A 363 9.24 -0.93 20.66
C GLU A 363 8.51 -1.67 19.54
N VAL A 364 7.20 -1.44 19.48
CA VAL A 364 6.33 -2.02 18.44
C VAL A 364 6.74 -1.65 17.01
N HIS A 365 7.23 -0.42 16.83
CA HIS A 365 7.50 0.08 15.49
C HIS A 365 8.90 -0.33 15.01
N ARG A 366 9.83 -0.42 15.96
CA ARG A 366 11.11 -1.09 15.74
C ARG A 366 10.88 -2.54 15.28
N GLY A 367 9.93 -3.23 15.90
CA GLY A 367 9.56 -4.58 15.55
C GLY A 367 9.03 -4.70 14.14
N MSE A 368 8.30 -3.68 13.72
CA MSE A 368 7.80 -3.64 12.37
C MSE A 368 8.90 -3.50 11.35
O MSE A 368 8.81 -4.03 10.25
CB MSE A 368 6.81 -2.51 12.24
CG MSE A 368 5.57 -2.76 13.04
SE MSE A 368 4.36 -1.28 12.89
CE MSE A 368 4.39 -0.98 10.94
N MSE A 369 9.96 -2.79 11.73
CA MSE A 369 11.10 -2.58 10.85
C MSE A 369 11.79 -3.88 10.42
O MSE A 369 12.05 -4.09 9.22
CB MSE A 369 12.07 -1.56 11.46
CG MSE A 369 11.65 -0.09 11.27
SE MSE A 369 11.04 0.33 9.42
CE MSE A 369 12.50 -0.49 8.37
N THR A 370 12.09 -4.74 11.39
CA THR A 370 12.58 -6.08 11.10
C THR A 370 11.67 -6.85 10.11
N ARG A 371 10.40 -7.00 10.46
CA ARG A 371 9.40 -7.64 9.59
C ARG A 371 9.41 -7.09 8.17
N PHE A 372 9.53 -5.76 8.06
CA PHE A 372 9.59 -5.11 6.76
C PHE A 372 10.83 -5.58 5.98
N GLU A 373 11.99 -5.57 6.62
CA GLU A 373 13.23 -5.97 5.98
C GLU A 373 13.21 -7.44 5.57
N ASN A 374 12.60 -8.28 6.40
CA ASN A 374 12.56 -9.71 6.15
C ASN A 374 11.70 -10.04 4.94
N ALA A 375 10.50 -9.50 4.89
CA ALA A 375 9.62 -9.71 3.75
C ALA A 375 10.23 -9.12 2.49
N ASN A 376 10.85 -7.95 2.62
CA ASN A 376 11.54 -7.32 1.49
C ASN A 376 12.68 -8.18 0.94
N ASP A 377 13.41 -8.81 1.86
CA ASP A 377 14.52 -9.66 1.48
C ASP A 377 14.08 -10.94 0.78
N VAL A 378 12.96 -11.50 1.23
CA VAL A 378 12.32 -12.64 0.54
C VAL A 378 11.82 -12.19 -0.83
N GLY A 379 11.24 -11.02 -0.89
CA GLY A 379 10.80 -10.45 -2.16
C GLY A 379 11.95 -10.34 -3.13
N HIS A 380 13.05 -9.75 -2.68
CA HIS A 380 14.23 -9.65 -3.54
C HIS A 380 14.79 -11.01 -3.94
N PHE A 381 14.81 -11.94 -3.01
CA PHE A 381 15.31 -13.27 -3.29
C PHE A 381 14.56 -13.94 -4.44
N LEU A 382 13.24 -13.91 -4.36
CA LEU A 382 12.38 -14.60 -5.30
C LEU A 382 12.41 -13.94 -6.67
N ALA A 383 12.46 -12.61 -6.68
CA ALA A 383 12.57 -11.84 -7.89
C ALA A 383 13.91 -12.12 -8.57
N ASP A 384 14.99 -12.22 -7.79
CA ASP A 384 16.30 -12.55 -8.33
C ASP A 384 16.35 -13.95 -8.99
N GLU A 385 15.91 -14.98 -8.26
CA GLU A 385 15.78 -16.32 -8.78
C GLU A 385 14.99 -16.29 -10.08
N ALA A 386 13.86 -15.59 -10.05
CA ALA A 386 12.95 -15.52 -11.17
C ALA A 386 13.62 -14.96 -12.43
N THR A 387 14.44 -13.91 -12.28
CA THR A 387 14.99 -13.21 -13.45
C THR A 387 16.20 -13.96 -14.01
N ARG A 388 16.94 -14.62 -13.13
CA ARG A 388 18.05 -15.48 -13.49
C ARG A 388 17.56 -16.69 -14.30
N GLN A 389 16.43 -17.25 -13.90
CA GLN A 389 15.81 -18.40 -14.57
C GLN A 389 15.29 -18.01 -15.94
N LEU A 390 14.92 -16.74 -16.03
CA LEU A 390 14.21 -16.19 -17.15
C LEU A 390 15.19 -15.68 -18.21
N THR A 391 16.29 -15.06 -17.76
CA THR A 391 17.27 -14.52 -18.67
C THR A 391 18.14 -15.64 -19.22
N GLU A 392 18.39 -16.65 -18.39
CA GLU A 392 19.14 -17.83 -18.80
C GLU A 392 18.47 -18.54 -19.99
N ALA A 393 17.14 -18.47 -20.05
CA ALA A 393 16.39 -19.13 -21.12
C ALA A 393 16.25 -18.27 -22.38
N ILE A 394 16.67 -17.01 -22.28
CA ILE A 394 16.56 -16.11 -23.41
C ILE A 394 17.73 -16.37 -24.37
N ASP A 395 17.41 -16.40 -25.66
CA ASP A 395 18.41 -16.62 -26.70
C ASP A 395 19.22 -15.36 -27.00
N THR A 396 20.41 -15.28 -26.42
CA THR A 396 21.31 -14.13 -26.61
C THR A 396 22.48 -14.45 -27.53
N SER A 397 22.53 -15.67 -28.04
CA SER A 397 23.50 -16.01 -29.10
C SER A 397 23.47 -14.98 -30.26
N VAL A 398 22.33 -14.31 -30.42
CA VAL A 398 22.13 -13.34 -31.49
C VAL A 398 23.02 -12.10 -31.39
N PHE A 399 23.58 -11.85 -30.20
CA PHE A 399 24.50 -10.74 -30.03
C PHE A 399 25.88 -11.21 -30.48
N PRO A 400 26.73 -10.32 -31.02
CA PRO A 400 28.01 -10.82 -31.48
C PRO A 400 28.87 -11.28 -30.33
N GLU A 401 29.88 -12.11 -30.61
CA GLU A 401 30.92 -12.42 -29.62
C GLU A 401 31.37 -11.13 -28.95
N LYS A 402 31.83 -11.23 -27.71
CA LYS A 402 32.46 -10.10 -27.00
C LYS A 402 31.45 -9.06 -26.43
N ALA A 403 30.19 -9.18 -26.82
CA ALA A 403 29.15 -8.27 -26.36
C ALA A 403 28.70 -8.65 -24.95
N HIS A 404 28.17 -7.67 -24.22
CA HIS A 404 27.64 -7.85 -22.87
C HIS A 404 26.14 -7.69 -22.89
N PRO A 405 25.38 -8.78 -23.00
CA PRO A 405 23.92 -8.67 -23.07
C PRO A 405 23.21 -8.27 -21.76
N PHE A 406 22.07 -7.60 -21.89
CA PHE A 406 21.18 -7.36 -20.75
C PHE A 406 19.75 -7.29 -21.22
N VAL A 407 18.83 -7.41 -20.27
CA VAL A 407 17.39 -7.51 -20.56
C VAL A 407 16.57 -6.55 -19.71
N LEU A 408 15.63 -5.85 -20.34
CA LEU A 408 14.71 -4.99 -19.63
C LEU A 408 13.33 -5.63 -19.63
N PHE A 409 12.69 -5.58 -18.47
CA PHE A 409 11.34 -6.08 -18.30
C PHE A 409 10.42 -4.96 -17.91
N ASN A 410 9.30 -4.81 -18.62
CA ASN A 410 8.19 -4.00 -18.15
C ASN A 410 7.30 -4.98 -17.43
N THR A 411 7.30 -4.85 -16.11
CA THR A 411 6.72 -5.83 -15.22
C THR A 411 5.36 -5.33 -14.75
N SER A 412 4.93 -4.19 -15.32
CA SER A 412 3.65 -3.58 -15.02
C SER A 412 2.66 -3.78 -16.18
N GLY A 413 1.43 -3.32 -15.98
CA GLY A 413 0.37 -3.46 -16.99
C GLY A 413 0.21 -2.24 -17.89
N TYR A 414 1.22 -1.40 -17.94
CA TYR A 414 1.09 -0.08 -18.53
C TYR A 414 2.17 0.12 -19.57
N GLN A 415 1.91 0.99 -20.52
CA GLN A 415 2.92 1.46 -21.46
C GLN A 415 3.89 2.28 -20.61
N LYS A 416 5.16 1.90 -20.63
CA LYS A 416 6.15 2.53 -19.77
C LYS A 416 7.11 3.35 -20.58
N THR A 417 7.28 4.59 -20.17
CA THR A 417 8.21 5.48 -20.81
C THR A 417 9.15 6.01 -19.74
N GLU A 418 10.44 5.82 -19.94
CA GLU A 418 11.43 6.24 -18.95
C GLU A 418 12.85 6.24 -19.51
N VAL A 419 13.62 7.24 -19.12
CA VAL A 419 15.06 7.21 -19.32
C VAL A 419 15.63 6.36 -18.20
N VAL A 420 16.14 5.20 -18.56
CA VAL A 420 16.50 4.20 -17.58
C VAL A 420 18.00 4.00 -17.61
N THR A 421 18.52 3.54 -16.48
CA THR A 421 19.94 3.24 -16.38
C THR A 421 20.09 1.75 -16.17
N VAL A 422 21.18 1.20 -16.70
CA VAL A 422 21.49 -0.23 -16.54
C VAL A 422 22.97 -0.32 -16.23
N GLU A 423 23.30 -1.07 -15.19
CA GLU A 423 24.69 -1.22 -14.82
C GLU A 423 25.16 -2.54 -15.40
N VAL A 424 26.19 -2.46 -16.25
CA VAL A 424 26.74 -3.61 -16.91
C VAL A 424 28.20 -3.81 -16.51
N GLU A 425 28.48 -5.05 -16.08
CA GLU A 425 29.82 -5.52 -15.77
C GLU A 425 30.59 -5.62 -17.07
N ILE A 426 31.79 -5.08 -17.04
CA ILE A 426 32.53 -4.75 -18.25
C ILE A 426 33.84 -5.54 -18.26
N GLU A 427 34.35 -5.87 -17.07
CA GLU A 427 35.51 -6.70 -16.89
C GLU A 427 35.46 -7.28 -15.46
N ARG A 428 36.10 -8.43 -15.28
CA ARG A 428 36.01 -9.19 -14.04
C ARG A 428 37.36 -9.80 -13.84
N LEU A 429 37.92 -9.64 -12.64
CA LEU A 429 39.20 -10.25 -12.28
C LEU A 429 39.01 -11.13 -11.04
N PRO A 430 39.07 -12.47 -11.19
CA PRO A 430 38.87 -13.32 -10.03
C PRO A 430 40.03 -13.23 -9.03
N PHE A 431 39.73 -13.41 -7.74
CA PHE A 431 40.78 -13.31 -6.70
C PHE A 431 41.97 -14.22 -6.99
N TYR A 432 41.73 -15.31 -7.73
CA TYR A 432 42.80 -16.25 -8.02
C TYR A 432 43.77 -15.74 -9.09
N THR A 433 43.51 -14.54 -9.60
CA THR A 433 44.39 -13.98 -10.63
C THR A 433 45.54 -13.16 -10.07
N GLY A 434 45.33 -12.45 -8.97
CA GLY A 434 46.39 -11.76 -8.24
C GLY A 434 45.94 -11.35 -6.86
N LYS A 435 46.76 -10.60 -6.15
CA LYS A 435 46.35 -10.01 -4.87
C LYS A 435 45.20 -9.03 -5.15
N PRO A 436 44.11 -9.15 -4.39
CA PRO A 436 42.90 -8.38 -4.67
C PRO A 436 43.13 -6.90 -4.75
N GLU A 437 44.02 -6.36 -3.93
CA GLU A 437 44.25 -4.93 -3.96
C GLU A 437 44.82 -4.49 -5.30
N ASP A 438 45.52 -5.40 -5.94
CA ASP A 438 46.21 -5.09 -7.18
C ASP A 438 45.24 -5.17 -8.34
N LEU A 439 44.25 -6.06 -8.19
CA LEU A 439 43.19 -6.22 -9.15
C LEU A 439 42.30 -5.00 -9.16
N TYR A 440 42.06 -4.48 -7.97
CA TYR A 440 41.28 -3.29 -7.76
C TYR A 440 41.98 -2.15 -8.48
N HIS A 441 43.27 -1.98 -8.21
CA HIS A 441 44.01 -0.85 -8.78
C HIS A 441 44.24 -0.99 -10.28
N GLU A 442 44.34 -2.23 -10.76
CA GLU A 442 44.46 -2.47 -12.17
C GLU A 442 43.25 -1.85 -12.84
N LEU A 443 42.07 -2.31 -12.45
CA LEU A 443 40.81 -1.90 -13.03
C LEU A 443 40.53 -0.43 -12.88
N LYS A 444 40.87 0.11 -11.70
CA LYS A 444 40.68 1.52 -11.41
C LYS A 444 41.61 2.39 -12.25
N GLN A 445 42.78 1.86 -12.56
CA GLN A 445 43.72 2.62 -13.35
C GLN A 445 43.31 2.53 -14.82
N LYS A 446 42.98 1.31 -15.26
CA LYS A 446 42.65 1.04 -16.65
C LYS A 446 41.73 2.11 -17.24
N ALA A 447 42.09 2.59 -18.42
CA ALA A 447 41.24 3.51 -19.14
C ALA A 447 40.13 2.71 -19.82
N THR A 448 39.00 3.38 -20.06
CA THR A 448 37.81 2.68 -20.49
C THR A 448 37.42 2.95 -21.94
N PRO A 449 37.33 1.89 -22.75
CA PRO A 449 36.83 2.05 -24.12
C PRO A 449 35.49 2.77 -24.15
N ASP A 450 35.17 3.38 -25.28
CA ASP A 450 33.83 3.86 -25.51
C ASP A 450 32.99 2.63 -25.82
N TYR A 451 31.71 2.69 -25.50
CA TYR A 451 30.82 1.57 -25.71
C TYR A 451 29.53 1.96 -26.44
N GLN A 452 28.95 0.99 -27.13
CA GLN A 452 27.72 1.18 -27.87
C GLN A 452 26.67 0.16 -27.40
N VAL A 453 25.42 0.57 -27.29
CA VAL A 453 24.36 -0.41 -27.13
C VAL A 453 23.72 -0.75 -28.48
N ILE A 454 23.40 -2.03 -28.64
CA ILE A 454 22.76 -2.54 -29.84
C ILE A 454 21.58 -3.44 -29.50
N ASP A 455 20.64 -3.56 -30.45
CA ASP A 455 19.51 -4.47 -30.27
C ASP A 455 19.81 -5.87 -30.81
N PRO A 456 18.82 -6.77 -30.77
CA PRO A 456 19.01 -8.09 -31.39
C PRO A 456 19.28 -8.11 -32.92
N THR A 457 18.74 -7.16 -33.69
CA THR A 457 19.04 -7.16 -35.14
C THR A 457 20.46 -6.71 -35.39
N GLY A 458 21.02 -5.95 -34.46
CA GLY A 458 22.37 -5.40 -34.59
C GLY A 458 22.40 -3.89 -34.78
N LYS A 459 21.22 -3.27 -34.89
CA LYS A 459 21.14 -1.82 -35.02
C LYS A 459 21.62 -1.11 -33.75
N ALA A 460 22.09 0.13 -33.91
CA ALA A 460 22.56 0.90 -32.77
C ALA A 460 21.42 1.67 -32.08
N VAL A 461 21.55 1.78 -30.75
CA VAL A 461 20.52 2.33 -29.90
C VAL A 461 21.16 3.47 -29.13
N ALA A 462 20.62 4.67 -29.32
CA ALA A 462 21.16 5.83 -28.65
C ALA A 462 21.30 5.58 -27.14
N SER A 463 22.43 5.99 -26.58
CA SER A 463 22.67 5.79 -25.17
C SER A 463 23.66 6.83 -24.64
N ARG A 464 24.00 6.70 -23.36
CA ARG A 464 24.98 7.57 -22.73
C ARG A 464 25.60 6.80 -21.58
N ILE A 465 26.90 6.94 -21.39
CA ILE A 465 27.58 6.32 -20.24
C ILE A 465 27.49 7.29 -19.07
N VAL A 466 26.78 6.88 -18.04
CA VAL A 466 26.58 7.71 -16.86
C VAL A 466 27.78 7.68 -15.90
N LYS A 467 28.21 6.48 -15.51
CA LYS A 467 29.23 6.32 -14.47
C LYS A 467 30.02 5.03 -14.64
N GLU A 468 31.28 5.08 -14.23
CA GLU A 468 32.13 3.92 -14.11
C GLU A 468 32.24 3.62 -12.64
N ASP A 469 32.22 2.34 -12.28
CA ASP A 469 32.58 1.97 -10.92
C ASP A 469 33.42 0.70 -10.90
N VAL A 470 34.36 0.63 -9.95
CA VAL A 470 35.20 -0.55 -9.79
C VAL A 470 35.05 -1.06 -8.36
N ARG A 471 34.62 -2.31 -8.19
CA ARG A 471 34.39 -2.87 -6.86
C ARG A 471 34.46 -4.37 -6.77
N PHE A 472 34.42 -4.84 -5.52
CA PHE A 472 34.43 -6.23 -5.12
C PHE A 472 33.08 -6.84 -5.42
N GLY A 473 33.08 -8.12 -5.77
CA GLY A 473 31.83 -8.83 -6.04
C GLY A 473 32.03 -10.32 -5.90
N TYR A 474 30.93 -11.07 -5.96
CA TYR A 474 30.95 -12.51 -5.80
C TYR A 474 29.67 -13.17 -6.35
N ASP A 475 29.79 -14.37 -6.88
CA ASP A 475 28.67 -15.09 -7.45
C ASP A 475 28.47 -16.43 -6.75
N LEU A 476 27.84 -17.37 -7.43
CA LEU A 476 27.69 -18.73 -6.95
C LEU A 476 28.26 -19.68 -7.98
N PRO A 477 27.74 -20.89 -8.05
CA PRO A 477 26.70 -21.35 -7.14
C PRO A 477 27.27 -22.26 -6.05
N GLN A 483 32.84 -17.68 -5.19
CA GLN A 483 33.72 -17.17 -6.25
C GLN A 483 33.91 -15.62 -6.22
N PRO A 484 34.97 -15.11 -5.53
CA PRO A 484 35.15 -13.66 -5.37
C PRO A 484 36.01 -13.01 -6.42
N TYR A 485 35.70 -11.74 -6.74
CA TYR A 485 36.40 -11.04 -7.78
C TYR A 485 36.46 -9.53 -7.57
N MSE A 486 37.26 -8.84 -8.39
CA MSE A 486 37.08 -7.40 -8.65
C MSE A 486 36.42 -7.24 -10.01
O MSE A 486 36.73 -7.97 -10.96
CB MSE A 486 38.41 -6.65 -8.57
CG MSE A 486 39.08 -6.71 -7.19
SE MSE A 486 38.09 -5.70 -5.83
CE MSE A 486 39.36 -5.87 -4.35
N ALA A 487 35.49 -6.30 -10.12
CA ALA A 487 34.76 -6.12 -11.38
C ALA A 487 34.65 -4.65 -11.71
N LYS A 488 34.53 -4.34 -13.00
CA LYS A 488 34.36 -2.96 -13.45
C LYS A 488 33.00 -2.83 -14.09
N TYR A 489 32.27 -1.77 -13.73
CA TYR A 489 30.91 -1.60 -14.19
C TYR A 489 30.67 -0.29 -14.88
N LEU A 490 29.81 -0.30 -15.89
CA LEU A 490 29.33 0.93 -16.48
C LEU A 490 27.85 1.09 -16.26
N THR A 491 27.42 2.32 -16.03
CA THR A 491 26.00 2.57 -15.94
C THR A 491 25.59 3.28 -17.22
N VAL A 492 24.71 2.66 -18.00
CA VAL A 492 24.28 3.24 -19.27
C VAL A 492 22.87 3.77 -19.23
N GLU A 493 22.71 5.01 -19.67
CA GLU A 493 21.40 5.65 -19.81
C GLU A 493 20.76 5.19 -21.11
N LEU A 494 19.50 4.79 -21.04
CA LEU A 494 18.71 4.42 -22.21
C LEU A 494 17.34 5.13 -22.17
N SER A 495 16.80 5.50 -23.32
CA SER A 495 15.47 6.09 -23.39
C SER A 495 14.42 5.12 -23.92
N VAL A 496 13.50 4.74 -23.05
CA VAL A 496 12.49 3.75 -23.35
C VAL A 496 11.14 4.42 -23.49
N LYS A 497 10.47 4.14 -24.59
CA LYS A 497 9.28 4.87 -24.94
C LYS A 497 8.13 3.94 -25.18
N GLU A 498 7.08 4.10 -24.38
CA GLU A 498 5.86 3.31 -24.49
C GLU A 498 6.19 1.83 -24.68
N MSE A 499 7.05 1.30 -23.82
CA MSE A 499 7.32 -0.10 -23.86
C MSE A 499 6.09 -0.89 -23.37
O MSE A 499 5.49 -0.54 -22.34
CB MSE A 499 8.55 -0.44 -23.02
CG MSE A 499 8.82 -1.91 -22.98
SE MSE A 499 10.25 -2.29 -21.74
CE MSE A 499 10.44 -4.21 -22.00
N ALA A 500 5.75 -1.94 -24.12
CA ALA A 500 4.52 -2.73 -23.93
C ALA A 500 4.49 -3.34 -22.53
N PRO A 501 3.30 -3.36 -21.92
CA PRO A 501 3.09 -4.06 -20.64
C PRO A 501 3.61 -5.47 -20.71
N PHE A 502 4.05 -5.99 -19.58
CA PHE A 502 4.44 -7.40 -19.46
C PHE A 502 5.26 -7.97 -20.64
N SER A 503 6.37 -7.31 -20.93
CA SER A 503 7.19 -7.70 -22.06
C SER A 503 8.65 -7.49 -21.71
N TRP A 504 9.53 -8.03 -22.56
CA TRP A 504 10.96 -7.77 -22.45
C TRP A 504 11.65 -7.52 -23.78
N ASP A 505 12.73 -6.75 -23.70
CA ASP A 505 13.62 -6.50 -24.81
C ASP A 505 15.06 -6.73 -24.35
N SER A 506 15.87 -7.27 -25.27
CA SER A 506 17.27 -7.52 -24.99
C SER A 506 18.11 -6.51 -25.69
N PHE A 507 19.24 -6.21 -25.07
CA PHE A 507 20.18 -5.25 -25.62
C PHE A 507 21.54 -5.73 -25.28
N ALA A 508 22.55 -5.24 -25.96
CA ALA A 508 23.88 -5.58 -25.55
C ALA A 508 24.76 -4.37 -25.57
N LEU A 509 25.76 -4.41 -24.72
CA LEU A 509 26.73 -3.35 -24.59
C LEU A 509 27.97 -3.82 -25.36
N ILE A 510 28.40 -3.03 -26.32
CA ILE A 510 29.41 -3.45 -27.29
C ILE A 510 30.44 -2.31 -27.38
N GLN A 511 31.72 -2.66 -27.55
CA GLN A 511 32.77 -1.63 -27.74
C GLN A 511 32.59 -0.95 -29.10
N GLY A 512 32.74 0.37 -29.12
CA GLY A 512 32.42 1.13 -30.31
C GLY A 512 31.95 2.53 -29.93
N GLU A 513 31.60 3.32 -30.95
CA GLU A 513 31.21 4.70 -30.71
C GLU A 513 29.78 4.75 -30.20
N THR A 514 29.62 5.24 -28.98
CA THR A 514 28.29 5.53 -28.45
C THR A 514 27.49 6.34 -29.44
N LYS A 515 26.26 5.90 -29.69
CA LYS A 515 25.31 6.63 -30.52
C LYS A 515 24.61 7.66 -29.64
N ALA A 516 24.93 8.94 -29.87
CA ALA A 516 24.49 10.02 -29.00
C ALA A 516 23.01 10.29 -29.17
N PHE A 517 22.38 10.75 -28.10
CA PHE A 517 21.02 11.27 -28.18
C PHE A 517 21.03 12.56 -28.99
N GLU A 518 19.99 12.77 -29.78
CA GLU A 518 19.94 13.88 -30.71
C GLU A 518 18.71 14.75 -30.50
N GLY A 519 18.86 16.03 -30.76
CA GLY A 519 17.77 16.98 -30.56
C GLY A 519 18.21 18.11 -29.66
N SER A 520 17.28 19.00 -29.34
CA SER A 520 17.55 20.10 -28.46
C SER A 520 17.77 19.57 -27.06
N LEU A 521 18.69 20.20 -26.35
CA LEU A 521 18.74 20.05 -24.92
C LEU A 521 17.39 20.43 -24.34
N LEU A 522 16.92 19.63 -23.39
CA LEU A 522 15.64 19.83 -22.73
C LEU A 522 15.65 21.04 -21.82
N ALA A 523 16.81 21.37 -21.27
CA ALA A 523 16.91 22.47 -20.33
C ALA A 523 17.67 23.63 -20.92
N GLN A 524 17.33 24.83 -20.47
CA GLN A 524 18.14 25.99 -20.77
C GLN A 524 18.48 26.69 -19.45
N PRO A 525 19.68 26.38 -18.94
CA PRO A 525 20.18 26.70 -17.58
C PRO A 525 20.32 28.17 -17.29
N ALA A 526 20.42 28.99 -18.33
CA ALA A 526 20.70 30.40 -18.15
C ALA A 526 19.53 31.08 -17.46
N THR A 527 18.34 30.53 -17.66
CA THR A 527 17.14 31.11 -17.09
C THR A 527 16.44 30.15 -16.11
N ASN A 528 17.07 28.99 -15.83
CA ASN A 528 16.48 27.94 -14.97
C ASN A 528 15.16 27.43 -15.51
N GLU A 529 15.14 27.12 -16.80
CA GLU A 529 13.97 26.66 -17.52
C GLU A 529 14.23 25.30 -18.17
N MSE A 530 13.15 24.58 -18.45
CA MSE A 530 13.21 23.38 -19.29
C MSE A 530 11.87 23.12 -19.96
O MSE A 530 10.83 23.59 -19.48
CB MSE A 530 13.67 22.15 -18.50
CG MSE A 530 12.96 21.91 -17.20
SE MSE A 530 13.73 20.37 -16.27
CE MSE A 530 12.80 20.64 -14.55
N GLU A 531 11.89 22.41 -21.08
CA GLU A 531 10.65 22.13 -21.80
C GLU A 531 10.72 20.95 -22.75
N ASN A 532 9.58 20.32 -22.94
CA ASN A 532 9.41 19.33 -23.97
C ASN A 532 8.11 19.65 -24.69
N GLU A 533 7.63 18.75 -25.53
CA GLU A 533 6.35 18.99 -26.24
C GLU A 533 5.18 19.25 -25.29
N PHE A 534 5.17 18.59 -24.14
CA PHE A 534 4.00 18.66 -23.24
C PHE A 534 3.99 19.89 -22.34
N ILE A 535 5.15 20.26 -21.83
CA ILE A 535 5.23 21.30 -20.78
C ILE A 535 6.48 22.16 -20.88
N GLN A 536 6.36 23.35 -20.30
CA GLN A 536 7.44 24.32 -20.14
C GLN A 536 7.54 24.72 -18.66
N VAL A 537 8.75 24.67 -18.10
CA VAL A 537 8.96 24.90 -16.66
C VAL A 537 9.98 25.98 -16.34
N LYS A 538 9.57 26.94 -15.53
CA LYS A 538 10.48 27.91 -14.95
C LYS A 538 10.61 27.68 -13.44
N ILE A 539 11.85 27.63 -12.98
CA ILE A 539 12.07 27.64 -11.55
C ILE A 539 12.33 29.08 -11.18
N GLU A 540 11.47 29.61 -10.31
CA GLU A 540 11.60 30.97 -9.79
C GLU A 540 12.77 31.11 -8.83
N ASN A 541 13.07 32.35 -8.46
CA ASN A 541 14.10 32.62 -7.45
C ASN A 541 13.79 31.93 -6.12
N ASN A 542 12.50 31.90 -5.78
CA ASN A 542 11.85 31.02 -4.79
C ASN A 542 12.28 29.56 -4.77
N GLY A 543 12.61 29.05 -5.95
CA GLY A 543 12.74 27.62 -6.14
C GLY A 543 11.39 27.00 -6.38
N SER A 544 10.32 27.77 -6.25
CA SER A 544 9.02 27.33 -6.73
C SER A 544 8.96 27.26 -8.27
N LEU A 545 8.01 26.49 -8.78
CA LEU A 545 7.82 26.25 -10.21
C LEU A 545 6.59 26.95 -10.74
N THR A 546 6.74 27.48 -11.94
CA THR A 546 5.66 27.98 -12.77
C THR A 546 5.67 27.06 -13.99
N ILE A 547 4.53 26.46 -14.31
CA ILE A 547 4.49 25.52 -15.41
C ILE A 547 3.40 25.86 -16.42
N ALA A 548 3.69 25.66 -17.71
CA ALA A 548 2.67 25.84 -18.74
C ALA A 548 2.36 24.49 -19.41
N ASP A 549 1.08 24.12 -19.50
CA ASP A 549 0.72 22.98 -20.32
C ASP A 549 0.72 23.45 -21.77
N LYS A 550 1.64 22.92 -22.57
CA LYS A 550 1.74 23.39 -23.97
C LYS A 550 0.53 23.04 -24.84
N LYS A 551 -0.25 22.05 -24.41
CA LYS A 551 -1.42 21.56 -25.15
C LYS A 551 -2.77 22.19 -24.73
N THR A 552 -2.91 22.59 -23.47
CA THR A 552 -4.15 23.26 -23.02
C THR A 552 -4.01 24.77 -22.95
N GLY A 553 -2.77 25.24 -22.82
CA GLY A 553 -2.51 26.65 -22.56
C GLY A 553 -2.63 27.06 -21.10
N GLU A 554 -3.13 26.15 -20.26
CA GLU A 554 -3.26 26.47 -18.83
C GLU A 554 -1.88 26.57 -18.20
N THR A 555 -1.71 27.58 -17.36
CA THR A 555 -0.47 27.79 -16.63
C THR A 555 -0.74 27.68 -15.13
N PHE A 556 0.29 27.27 -14.39
CA PHE A 556 0.16 27.07 -12.94
C PHE A 556 1.36 27.61 -12.19
N SER A 557 1.12 28.15 -11.00
CA SER A 557 2.13 28.94 -10.32
C SER A 557 2.34 28.55 -8.84
N LYS A 558 3.50 28.88 -8.30
CA LYS A 558 3.80 28.64 -6.87
C LYS A 558 3.89 27.18 -6.44
N LEU A 559 3.96 26.28 -7.42
CA LEU A 559 4.06 24.87 -7.18
C LEU A 559 5.33 24.58 -6.41
N LEU A 560 5.30 23.50 -5.64
CA LEU A 560 6.47 23.04 -4.90
C LEU A 560 6.91 24.01 -3.77
N THR A 561 5.96 24.77 -3.24
CA THR A 561 6.27 25.59 -2.08
C THR A 561 6.31 24.69 -0.87
N PHE A 562 7.27 24.87 0.01
CA PHE A 562 7.32 24.06 1.22
C PHE A 562 6.84 24.85 2.40
N GLU A 563 6.18 24.19 3.33
CA GLU A 563 5.55 24.89 4.44
C GLU A 563 5.74 24.11 5.73
N ASP A 564 6.30 24.76 6.75
CA ASP A 564 6.51 24.09 8.04
C ASP A 564 5.70 24.78 9.10
N THR A 565 5.11 23.97 9.97
CA THR A 565 4.36 24.48 11.12
C THR A 565 4.68 23.62 12.34
N GLY A 566 4.36 24.12 13.52
CA GLY A 566 4.53 23.33 14.70
C GLY A 566 3.44 22.27 14.78
N ASP A 567 3.75 21.16 15.44
CA ASP A 567 2.73 20.20 15.76
C ASP A 567 2.88 19.85 17.24
N ILE A 568 1.83 20.08 18.01
CA ILE A 568 1.86 19.73 19.43
C ILE A 568 0.79 18.70 19.79
N GLY A 569 0.21 18.10 18.74
CA GLY A 569 -0.69 16.97 18.88
C GLY A 569 0.06 15.69 19.24
N ASN A 570 -0.33 14.58 18.62
CA ASN A 570 0.24 13.28 18.94
C ASN A 570 0.19 12.35 17.75
N GLU A 571 0.59 11.10 17.94
CA GLU A 571 0.63 10.19 16.80
C GLU A 571 -0.68 10.08 16.00
N TYR A 572 -1.82 10.31 16.68
CA TYR A 572 -3.13 10.23 16.06
C TYR A 572 -3.61 11.51 15.38
N ILE A 573 -3.21 12.66 15.90
CA ILE A 573 -3.81 13.92 15.50
C ILE A 573 -2.77 15.02 15.45
N PHE A 574 -2.89 15.86 14.42
CA PHE A 574 -2.05 17.04 14.21
C PHE A 574 -2.63 18.23 14.94
N PHE A 575 -1.80 19.00 15.62
CA PHE A 575 -2.30 20.21 16.25
C PHE A 575 -1.27 21.33 16.20
N LYS A 576 -1.66 22.44 15.58
CA LYS A 576 -0.83 23.62 15.39
C LYS A 576 -0.95 24.55 16.59
N PRO A 577 0.18 24.95 17.19
CA PRO A 577 0.15 25.85 18.35
C PRO A 577 -0.65 27.08 17.99
N THR A 578 -1.44 27.58 18.93
CA THR A 578 -2.48 28.59 18.64
C THR A 578 -1.96 29.86 17.97
N GLU A 579 -0.72 30.23 18.25
CA GLU A 579 -0.20 31.49 17.75
C GLU A 579 0.78 31.30 16.57
N ASP A 580 0.80 30.10 16.00
CA ASP A 580 1.76 29.76 14.95
C ASP A 580 1.25 30.07 13.53
N GLN A 581 1.97 30.93 12.81
CA GLN A 581 1.56 31.33 11.45
C GLN A 581 2.21 30.51 10.36
N GLY A 582 3.27 29.77 10.72
CA GLY A 582 3.97 28.89 9.78
C GLY A 582 5.09 29.56 9.01
N ILE A 583 6.05 28.73 8.57
CA ILE A 583 7.15 29.16 7.71
C ILE A 583 7.02 28.55 6.31
N THR A 584 7.51 29.27 5.32
CA THR A 584 7.29 28.96 3.92
C THR A 584 8.56 29.31 3.15
N THR A 585 8.77 28.69 2.00
CA THR A 585 9.88 29.03 1.12
C THR A 585 9.56 30.07 0.05
N GLU A 586 8.47 30.81 0.25
CA GLU A 586 8.02 31.85 -0.67
C GLU A 586 8.94 33.06 -0.78
N ASN A 587 9.65 33.41 0.29
CA ASN A 587 10.54 34.55 0.21
C ASN A 587 11.98 34.20 0.52
N VAL A 588 12.27 32.92 0.31
CA VAL A 588 13.59 32.35 0.39
C VAL A 588 14.28 32.46 -0.95
N THR A 589 15.59 32.67 -0.92
CA THR A 589 16.38 32.68 -2.13
C THR A 589 16.98 31.29 -2.32
N ALA A 590 16.50 30.59 -3.34
CA ALA A 590 16.96 29.24 -3.61
C ALA A 590 18.34 29.23 -4.30
N GLU A 591 19.13 28.20 -4.05
CA GLU A 591 20.26 27.91 -4.93
C GLU A 591 19.81 26.85 -5.94
N ILE A 592 19.81 27.22 -7.22
CA ILE A 592 19.34 26.39 -8.32
C ILE A 592 20.53 25.97 -9.20
N THR A 593 20.71 24.67 -9.42
CA THR A 593 21.78 24.20 -10.29
C THR A 593 21.19 23.22 -11.29
N ASN A 594 21.48 23.40 -12.58
CA ASN A 594 21.19 22.39 -13.59
C ASN A 594 22.18 21.26 -13.43
N LYS A 595 21.71 20.05 -13.15
CA LYS A 595 22.59 18.94 -12.84
C LYS A 595 22.82 18.06 -14.04
N GLU A 596 21.83 17.97 -14.91
CA GLU A 596 21.94 17.11 -16.09
C GLU A 596 21.14 17.75 -17.20
N ASN A 597 21.69 17.75 -18.41
CA ASN A 597 21.00 18.32 -19.59
C ASN A 597 21.37 17.54 -20.83
N SER A 598 20.37 16.86 -21.38
CA SER A 598 20.56 16.11 -22.60
C SER A 598 19.30 16.27 -23.48
N PRO A 599 19.27 15.59 -24.64
CA PRO A 599 18.08 15.74 -25.44
C PRO A 599 16.91 14.91 -24.94
N VAL A 600 17.18 13.93 -24.09
CA VAL A 600 16.12 13.04 -23.59
C VAL A 600 15.79 13.28 -22.10
N LYS A 601 16.73 13.84 -21.34
CA LYS A 601 16.48 14.05 -19.92
C LYS A 601 17.21 15.26 -19.38
N ALA A 602 16.50 16.04 -18.57
CA ALA A 602 17.14 17.10 -17.79
C ALA A 602 16.69 17.10 -16.32
N SER A 603 17.51 17.66 -15.45
CA SER A 603 17.16 17.71 -14.04
C SER A 603 17.80 18.90 -13.35
N TYR A 604 17.11 19.47 -12.38
CA TYR A 604 17.59 20.61 -11.60
C TYR A 604 17.61 20.29 -10.10
N GLN A 605 18.59 20.84 -9.40
CA GLN A 605 18.66 20.75 -7.96
C GLN A 605 18.29 22.10 -7.39
N ILE A 606 17.42 22.06 -6.38
CA ILE A 606 16.97 23.26 -5.68
C ILE A 606 17.26 23.10 -4.20
N LYS A 607 18.06 24.01 -3.65
CA LYS A 607 18.36 24.03 -2.22
C LYS A 607 17.76 25.24 -1.55
N GLN A 608 17.10 24.99 -0.42
CA GLN A 608 16.48 26.04 0.38
C GLN A 608 16.85 25.92 1.87
N THR A 609 17.26 27.04 2.44
CA THR A 609 17.42 27.16 3.90
C THR A 609 16.30 28.00 4.50
N VAL A 610 15.52 27.37 5.36
CA VAL A 610 14.55 28.10 6.16
C VAL A 610 15.04 28.09 7.61
N MSE A 611 14.61 29.07 8.38
CA MSE A 611 14.99 29.14 9.79
C MSE A 611 13.83 28.61 10.61
O MSE A 611 12.76 29.24 10.69
CB MSE A 611 15.29 30.59 10.20
CG MSE A 611 16.46 31.20 9.47
SE MSE A 611 18.16 30.31 9.92
CE MSE A 611 18.00 30.26 11.91
N LEU A 612 14.01 27.46 11.23
CA LEU A 612 12.92 26.82 11.92
C LEU A 612 13.14 26.73 13.42
N PRO A 613 12.05 26.87 14.20
CA PRO A 613 12.11 26.57 15.64
C PRO A 613 12.69 25.18 15.83
N VAL A 614 13.51 25.03 16.87
CA VAL A 614 14.23 23.78 17.09
C VAL A 614 13.27 22.68 17.60
N ALA A 615 12.19 23.12 18.22
CA ALA A 615 11.26 22.27 18.98
C ALA A 615 10.10 23.13 19.48
N ALA A 616 9.09 22.50 20.08
CA ALA A 616 8.13 23.27 20.88
C ALA A 616 8.88 23.83 22.10
N ASP A 617 8.31 24.83 22.76
CA ASP A 617 8.98 25.37 23.92
C ASP A 617 8.80 24.42 25.12
N GLU A 618 9.38 24.80 26.26
CA GLU A 618 9.33 24.05 27.54
C GLU A 618 7.94 23.59 28.01
N ARG A 619 6.92 24.37 27.71
CA ARG A 619 5.58 24.03 28.17
C ARG A 619 5.14 22.63 27.71
N LEU A 620 5.49 22.25 26.47
CA LEU A 620 4.93 21.04 25.85
C LEU A 620 5.10 19.80 26.72
N GLU A 621 6.31 19.58 27.20
CA GLU A 621 6.63 18.39 27.97
C GLU A 621 5.75 18.28 29.23
N GLU A 622 5.40 19.42 29.82
CA GLU A 622 4.50 19.45 30.96
C GLU A 622 3.07 19.15 30.57
N GLU A 623 2.62 19.72 29.47
CA GLU A 623 1.26 19.51 29.02
C GLU A 623 1.03 18.07 28.53
N GLN A 624 2.10 17.42 28.07
CA GLN A 624 2.11 16.00 27.78
C GLN A 624 2.02 15.17 29.08
N LYS A 625 2.86 15.52 30.05
CA LYS A 625 2.90 14.85 31.36
C LYS A 625 1.60 14.95 32.16
N ALA A 626 1.01 16.14 32.19
CA ALA A 626 -0.29 16.37 32.85
C ALA A 626 -1.44 15.81 32.03
N VAL A 627 -1.12 15.25 30.87
CA VAL A 627 -2.09 14.83 29.86
C VAL A 627 -3.18 15.90 29.61
N ARG A 628 -2.71 17.14 29.44
CA ARG A 628 -3.53 18.27 29.06
C ARG A 628 -4.08 18.04 27.65
N GLU A 629 -5.41 18.13 27.50
CA GLU A 629 -6.08 17.82 26.23
C GLU A 629 -5.47 18.67 25.13
N PHE A 630 -5.15 18.03 24.00
CA PHE A 630 -4.34 18.70 22.98
C PHE A 630 -4.90 20.02 22.49
N ARG A 631 -6.23 20.13 22.44
CA ARG A 631 -6.90 21.37 22.01
C ARG A 631 -6.78 22.49 23.05
N GLU A 632 -6.44 22.14 24.29
CA GLU A 632 -6.36 23.14 25.36
C GLU A 632 -4.94 23.64 25.58
N ARG A 633 -4.00 23.15 24.78
CA ARG A 633 -2.54 23.37 24.97
C ARG A 633 -2.05 24.78 24.63
N LEU A 634 -1.23 25.33 25.52
CA LEU A 634 -0.74 26.69 25.43
C LEU A 634 0.66 26.80 24.87
N ALA A 635 1.31 25.67 24.70
CA ALA A 635 2.67 25.68 24.20
C ALA A 635 2.76 26.26 22.79
N GLN A 636 3.92 26.81 22.47
CA GLN A 636 4.11 27.49 21.22
C GLN A 636 5.41 27.00 20.65
N ARG A 637 5.68 27.30 19.38
CA ARG A 637 7.00 26.99 18.82
C ARG A 637 8.11 27.65 19.67
N SER A 638 9.25 26.97 19.82
CA SER A 638 10.36 27.56 20.54
C SER A 638 10.95 28.75 19.78
N THR A 639 11.47 29.71 20.54
CA THR A 639 12.09 30.89 19.96
C THR A 639 13.53 30.64 19.57
N THR A 640 14.03 29.41 19.75
CA THR A 640 15.38 29.05 19.26
C THR A 640 15.28 28.51 17.83
N LEU A 641 15.94 29.17 16.90
CA LEU A 641 15.81 28.83 15.48
C LEU A 641 17.11 28.31 14.90
N ARG A 642 17.05 27.25 14.11
CA ARG A 642 18.20 26.77 13.39
C ARG A 642 17.94 26.60 11.88
N PRO A 643 19.00 26.63 11.07
CA PRO A 643 18.87 26.47 9.62
C PRO A 643 18.32 25.10 9.33
N PHE A 644 17.39 25.03 8.39
CA PHE A 644 16.83 23.77 7.93
C PHE A 644 16.94 23.65 6.39
N GLU A 645 17.71 22.68 5.94
CA GLU A 645 18.02 22.55 4.53
C GLU A 645 17.07 21.58 3.83
N ILE A 646 16.40 22.07 2.79
CA ILE A 646 15.55 21.25 1.92
C ILE A 646 16.19 21.21 0.55
N THR A 647 16.34 20.02 0.00
CA THR A 647 17.03 19.78 -1.25
C THR A 647 16.16 18.97 -2.20
N THR A 648 15.75 19.59 -3.29
CA THR A 648 14.87 18.89 -4.21
C THR A 648 15.49 18.71 -5.58
N MSE A 649 15.35 17.50 -6.11
CA MSE A 649 15.64 17.21 -7.50
C MSE A 649 14.33 17.28 -8.28
O MSE A 649 13.37 16.59 -7.92
CB MSE A 649 16.24 15.81 -7.68
CG MSE A 649 17.65 15.63 -7.15
SE MSE A 649 18.98 16.61 -8.19
CE MSE A 649 18.72 15.82 -9.97
N VAL A 650 14.31 18.10 -9.33
CA VAL A 650 13.22 18.15 -10.27
C VAL A 650 13.75 17.56 -11.55
N THR A 651 13.07 16.55 -12.09
CA THR A 651 13.53 15.83 -13.29
C THR A 651 12.48 15.78 -14.38
N MSE A 652 12.90 15.97 -15.62
CA MSE A 652 12.01 15.90 -16.78
C MSE A 652 12.63 15.06 -17.90
O MSE A 652 13.82 15.14 -18.17
CB MSE A 652 11.67 17.30 -17.29
CG MSE A 652 10.93 17.34 -18.62
SE MSE A 652 10.90 19.12 -19.47
CE MSE A 652 12.73 19.24 -20.00
N ILE A 653 11.79 14.25 -18.55
CA ILE A 653 12.20 13.50 -19.74
C ILE A 653 11.40 13.89 -20.99
N LYS A 654 12.05 13.79 -22.14
CA LYS A 654 11.53 14.16 -23.45
C LYS A 654 10.12 13.61 -23.77
N GLU A 655 9.93 12.31 -23.54
CA GLU A 655 8.72 11.61 -23.96
C GLU A 655 7.59 11.57 -22.95
N SER A 656 7.69 12.33 -21.87
CA SER A 656 6.65 12.30 -20.85
C SER A 656 6.31 13.68 -20.33
N ASN A 657 5.05 13.85 -19.96
CA ASN A 657 4.55 15.09 -19.36
C ASN A 657 4.69 15.08 -17.83
N GLN A 658 5.17 13.99 -17.27
CA GLN A 658 5.34 13.92 -15.82
C GLN A 658 6.57 14.65 -15.32
N LEU A 659 6.44 15.33 -14.19
CA LEU A 659 7.61 15.85 -13.45
C LEU A 659 7.84 15.04 -12.19
N PHE A 660 9.08 14.62 -11.97
CA PHE A 660 9.44 13.83 -10.82
C PHE A 660 10.22 14.64 -9.77
N PHE A 661 9.85 14.53 -8.50
CA PHE A 661 10.59 15.23 -7.45
C PHE A 661 11.10 14.27 -6.39
N GLU A 662 12.31 14.54 -5.96
CA GLU A 662 12.95 13.85 -4.87
C GLU A 662 13.41 14.89 -3.92
N THR A 663 12.83 14.90 -2.73
CA THR A 663 13.20 15.87 -1.71
C THR A 663 13.96 15.16 -0.58
N THR A 664 15.03 15.80 -0.12
CA THR A 664 15.85 15.24 0.94
C THR A 664 16.05 16.24 2.08
N ILE A 665 15.90 15.72 3.29
CA ILE A 665 16.16 16.48 4.50
C ILE A 665 16.91 15.60 5.47
N ASN A 666 17.59 16.24 6.42
CA ASN A 666 18.19 15.56 7.56
C ASN A 666 17.54 16.23 8.76
N ASN A 667 16.40 15.65 9.13
CA ASN A 667 15.54 16.14 10.19
C ASN A 667 16.14 16.10 11.60
N GLN A 668 16.55 17.26 12.09
CA GLN A 668 17.11 17.36 13.44
C GLN A 668 16.35 18.36 14.27
N ILE A 669 15.04 18.45 14.04
CA ILE A 669 14.13 19.34 14.76
C ILE A 669 12.82 18.61 15.04
N LYS A 670 12.10 19.06 16.07
CA LYS A 670 11.05 18.25 16.69
C LYS A 670 9.73 19.02 16.78
N ASP A 671 8.62 18.31 17.01
CA ASP A 671 7.33 18.97 17.21
C ASP A 671 6.90 19.81 15.99
N HIS A 672 6.96 19.20 14.81
CA HIS A 672 6.64 19.96 13.62
C HIS A 672 6.13 19.13 12.46
N ARG A 673 5.74 19.81 11.40
CA ARG A 673 5.12 19.18 10.24
C ARG A 673 5.60 19.90 8.99
N LEU A 674 5.95 19.14 7.98
CA LEU A 674 6.43 19.71 6.74
C LEU A 674 5.60 19.20 5.56
N ARG A 675 5.01 20.12 4.82
CA ARG A 675 4.27 19.80 3.64
C ARG A 675 4.75 20.57 2.43
N VAL A 676 4.44 20.04 1.27
CA VAL A 676 4.75 20.66 0.00
C VAL A 676 3.44 20.99 -0.67
N LEU A 677 3.30 22.21 -1.12
CA LEU A 677 2.03 22.66 -1.63
C LEU A 677 2.02 22.83 -3.10
N PHE A 678 0.90 22.53 -3.71
CA PHE A 678 0.72 22.72 -5.16
C PHE A 678 -0.52 23.55 -5.42
N PRO A 679 -0.38 24.88 -5.48
CA PRO A 679 -1.55 25.68 -5.75
C PRO A 679 -2.11 25.37 -7.13
N THR A 680 -3.41 25.22 -7.17
CA THR A 680 -4.07 24.62 -8.31
C THR A 680 -4.78 25.68 -9.17
N GLY A 681 -5.24 26.75 -8.51
CA GLY A 681 -5.88 27.87 -9.19
C GLY A 681 -7.35 27.65 -9.43
N MSE A 682 -7.80 26.42 -9.21
CA MSE A 682 -9.20 26.02 -9.33
C MSE A 682 -9.81 25.81 -7.97
O MSE A 682 -9.34 24.97 -7.20
CB MSE A 682 -9.29 24.70 -10.06
CG MSE A 682 -8.76 24.75 -11.43
SE MSE A 682 -8.73 23.00 -12.21
CE MSE A 682 -7.05 22.37 -11.43
N VAL A 683 -10.87 26.55 -7.68
CA VAL A 683 -11.65 26.28 -6.47
C VAL A 683 -12.93 25.50 -6.77
N THR A 684 -12.98 24.30 -6.18
CA THR A 684 -14.04 23.34 -6.38
C THR A 684 -14.52 22.88 -5.01
N GLU A 685 -15.65 22.16 -4.96
CA GLU A 685 -16.13 21.54 -3.74
C GLU A 685 -15.52 20.14 -3.56
N THR A 686 -15.16 19.49 -4.67
CA THR A 686 -14.69 18.11 -4.62
C THR A 686 -13.33 17.87 -5.29
N HIS A 687 -12.70 16.76 -4.94
CA HIS A 687 -11.46 16.34 -5.52
C HIS A 687 -11.51 14.83 -5.61
N GLU A 688 -10.47 14.26 -6.18
CA GLU A 688 -10.40 12.82 -6.38
C GLU A 688 -9.13 12.29 -5.72
N ALA A 689 -9.20 11.13 -5.14
CA ALA A 689 -8.06 10.53 -4.52
C ALA A 689 -8.01 9.08 -4.85
N ASP A 690 -6.82 8.55 -4.99
CA ASP A 690 -6.67 7.14 -5.14
C ASP A 690 -7.08 6.45 -3.86
N SER A 691 -7.72 5.31 -3.98
CA SER A 691 -8.21 4.56 -2.86
C SER A 691 -8.03 3.09 -3.11
N ILE A 692 -9.01 2.30 -2.75
CA ILE A 692 -8.88 0.87 -2.84
C ILE A 692 -9.65 0.31 -4.00
N TYR A 693 -8.93 -0.17 -4.99
CA TYR A 693 -9.53 -0.56 -6.25
C TYR A 693 -10.54 0.48 -6.67
N GLU A 694 -10.15 1.74 -6.64
CA GLU A 694 -11.14 2.79 -6.79
C GLU A 694 -10.49 4.14 -6.69
N VAL A 695 -11.00 5.07 -7.50
CA VAL A 695 -10.71 6.49 -7.33
C VAL A 695 -11.98 7.16 -6.81
N VAL A 696 -11.88 7.72 -5.61
CA VAL A 696 -13.04 8.24 -4.92
C VAL A 696 -13.13 9.76 -5.07
N THR A 697 -14.35 10.26 -5.17
CA THR A 697 -14.62 11.69 -5.12
C THR A 697 -14.99 12.12 -3.69
N ARG A 698 -14.21 13.00 -3.10
CA ARG A 698 -14.47 13.47 -1.73
C ARG A 698 -14.61 14.99 -1.75
N PRO A 699 -15.30 15.58 -0.73
CA PRO A 699 -15.25 17.03 -0.54
C PRO A 699 -13.91 17.44 0.06
N ASN A 700 -13.54 18.69 -0.12
CA ASN A 700 -12.20 19.15 0.24
C ASN A 700 -11.93 19.32 1.75
N ASN A 708 -11.82 21.87 14.73
CA ASN A 708 -10.82 21.33 13.81
C ASN A 708 -10.87 22.03 12.46
N PRO A 709 -9.99 23.03 12.23
CA PRO A 709 -10.15 23.87 11.03
C PRO A 709 -9.66 23.20 9.73
N THR A 710 -8.87 22.13 9.92
CA THR A 710 -8.16 21.38 8.87
C THR A 710 -8.97 20.16 8.39
N ASN A 711 -8.62 19.64 7.22
CA ASN A 711 -9.30 18.47 6.64
C ASN A 711 -8.34 17.45 6.03
N PRO A 712 -7.48 16.84 6.87
CA PRO A 712 -6.54 15.84 6.41
C PRO A 712 -7.23 14.65 5.81
N GLN A 713 -6.59 13.99 4.86
CA GLN A 713 -7.22 12.86 4.23
C GLN A 713 -6.19 11.87 3.78
N HIS A 714 -6.65 10.65 3.51
CA HIS A 714 -5.77 9.56 3.17
C HIS A 714 -5.75 9.27 1.66
N GLN A 715 -4.57 9.06 1.12
CA GLN A 715 -4.45 8.80 -0.31
C GLN A 715 -3.59 7.58 -0.54
N GLN A 716 -3.74 6.96 -1.72
CA GLN A 716 -2.80 5.95 -2.18
C GLN A 716 -1.77 6.57 -3.13
N ALA A 717 -1.84 6.22 -4.41
CA ALA A 717 -0.81 6.63 -5.35
C ALA A 717 -0.87 8.11 -5.73
N PHE A 718 -2.04 8.75 -5.60
CA PHE A 718 -2.23 10.11 -6.09
C PHE A 718 -3.52 10.78 -5.57
N VAL A 719 -3.57 12.10 -5.75
CA VAL A 719 -4.76 12.90 -5.51
C VAL A 719 -4.94 13.83 -6.75
N ASN A 720 -6.16 14.24 -7.08
CA ASN A 720 -6.43 15.02 -8.31
C ASN A 720 -7.42 16.13 -8.09
N VAL A 721 -7.14 17.31 -8.64
CA VAL A 721 -8.16 18.38 -8.73
C VAL A 721 -8.37 18.78 -10.20
N HIS A 722 -9.62 18.76 -10.65
CA HIS A 722 -9.87 19.08 -12.05
C HIS A 722 -11.17 19.81 -12.31
N ASP A 723 -11.19 20.44 -13.48
CA ASP A 723 -12.24 21.30 -14.01
C ASP A 723 -12.97 20.62 -15.11
N GLN A 724 -13.82 21.41 -15.75
CA GLN A 724 -14.30 21.12 -17.10
C GLN A 724 -13.19 21.30 -18.14
N ASN A 725 -12.11 21.96 -17.75
CA ASN A 725 -11.06 22.36 -18.70
C ASN A 725 -9.68 21.77 -18.45
N LYS A 726 -9.31 21.58 -17.18
CA LYS A 726 -7.92 21.26 -16.79
C LYS A 726 -7.87 20.48 -15.48
N GLY A 727 -6.77 19.80 -15.25
CA GLY A 727 -6.55 19.14 -13.99
C GLY A 727 -5.09 18.99 -13.63
N VAL A 728 -4.83 18.79 -12.34
CA VAL A 728 -3.50 18.58 -11.77
C VAL A 728 -3.54 17.26 -10.97
N THR A 729 -2.64 16.34 -11.32
CA THR A 729 -2.49 15.07 -10.60
C THR A 729 -1.16 15.04 -9.85
N ILE A 730 -1.24 14.91 -8.54
CA ILE A 730 -0.05 14.75 -7.70
C ILE A 730 0.05 13.30 -7.27
N PHE A 731 1.16 12.64 -7.53
CA PHE A 731 1.34 11.23 -7.17
C PHE A 731 2.50 11.09 -6.21
N ASN A 732 2.62 9.95 -5.53
CA ASN A 732 3.58 9.83 -4.43
C ASN A 732 3.93 8.38 -4.14
N GLU A 733 5.08 8.15 -3.49
CA GLU A 733 5.35 6.86 -2.87
C GLU A 733 5.34 7.07 -1.38
N GLY A 734 4.33 6.51 -0.69
CA GLY A 734 4.34 6.42 0.76
C GLY A 734 4.14 7.74 1.49
N LEU A 735 3.48 8.67 0.82
CA LEU A 735 3.18 9.98 1.38
C LEU A 735 1.67 10.08 1.43
N ASN A 736 1.08 9.55 2.51
CA ASN A 736 -0.35 9.22 2.47
C ASN A 736 -1.38 10.22 2.94
N GLU A 737 -0.94 11.32 3.49
CA GLU A 737 -1.84 12.34 3.98
C GLU A 737 -1.83 13.49 3.00
N TYR A 738 -2.99 14.06 2.75
CA TYR A 738 -3.10 15.20 1.87
C TYR A 738 -4.24 16.08 2.38
N GLU A 739 -4.17 17.36 2.04
CA GLU A 739 -5.27 18.29 2.22
C GLU A 739 -5.48 19.02 0.90
N VAL A 740 -6.73 19.30 0.55
CA VAL A 740 -6.98 20.20 -0.54
C VAL A 740 -7.57 21.43 0.13
N LEU A 741 -6.84 22.54 0.08
CA LEU A 741 -7.27 23.78 0.74
C LEU A 741 -8.37 24.46 -0.07
N ALA A 742 -9.08 25.37 0.59
CA ALA A 742 -10.23 26.07 -0.01
C ALA A 742 -9.88 26.82 -1.31
N ASP A 743 -8.66 27.34 -1.40
CA ASP A 743 -8.19 28.04 -2.60
C ASP A 743 -7.77 27.06 -3.71
N GLY A 744 -7.88 25.77 -3.41
CA GLY A 744 -7.49 24.72 -4.34
C GLY A 744 -6.07 24.20 -4.22
N THR A 745 -5.35 24.55 -3.17
CA THR A 745 -3.98 24.06 -3.03
C THR A 745 -4.01 22.60 -2.65
N ILE A 746 -3.19 21.79 -3.32
CA ILE A 746 -2.99 20.41 -2.94
C ILE A 746 -1.73 20.38 -2.08
N ALA A 747 -1.92 20.08 -0.81
CA ALA A 747 -0.80 20.02 0.10
C ALA A 747 -0.55 18.58 0.53
N VAL A 748 0.60 18.04 0.18
CA VAL A 748 0.99 16.71 0.61
C VAL A 748 1.89 16.82 1.84
N THR A 749 1.64 16.00 2.86
CA THR A 749 2.51 15.97 4.01
C THR A 749 3.72 15.10 3.70
N LEU A 750 4.90 15.65 3.96
CA LEU A 750 6.11 14.90 3.81
C LEU A 750 6.43 14.20 5.13
N ILE A 751 6.24 14.91 6.23
CA ILE A 751 6.74 14.46 7.53
C ILE A 751 6.10 15.18 8.71
N ARG A 752 5.75 14.42 9.75
CA ARG A 752 5.12 14.96 10.93
C ARG A 752 5.85 14.42 12.15
N CYS A 753 6.38 15.31 12.98
CA CYS A 753 7.22 14.92 14.12
C CYS A 753 6.61 15.32 15.44
N VAL A 754 6.50 14.35 16.33
CA VAL A 754 5.63 14.46 17.47
C VAL A 754 6.18 13.56 18.60
N GLY A 755 5.92 13.90 19.87
CA GLY A 755 6.61 13.23 21.00
C GLY A 755 5.85 12.18 21.80
N GLU A 756 4.56 12.04 21.53
CA GLU A 756 3.73 11.16 22.34
C GLU A 756 2.69 10.44 21.51
N LEU A 757 2.16 9.35 22.08
CA LEU A 757 1.19 8.49 21.43
C LEU A 757 -0.17 9.16 21.33
N GLY A 758 -0.57 9.84 22.42
CA GLY A 758 -1.87 10.50 22.52
C GLY A 758 -2.87 9.63 23.25
N ASP A 759 -4.14 9.74 22.83
CA ASP A 759 -5.28 8.95 23.36
C ASP A 759 -5.58 9.19 24.87
N TRP A 760 -5.65 8.11 25.64
CA TRP A 760 -6.25 8.18 26.97
C TRP A 760 -5.27 8.40 28.15
N GLY A 761 -4.02 8.73 27.85
CA GLY A 761 -2.97 8.75 28.86
C GLY A 761 -1.68 9.36 28.36
N TYR A 762 -0.60 9.15 29.10
CA TYR A 762 0.69 9.67 28.68
C TYR A 762 1.69 8.58 28.34
N PHE A 763 2.03 8.49 27.06
CA PHE A 763 3.01 7.51 26.59
C PHE A 763 3.99 8.20 25.67
N ALA A 764 5.17 8.50 26.21
CA ALA A 764 6.23 9.15 25.45
C ALA A 764 6.71 8.24 24.31
N THR A 765 6.73 8.79 23.10
CA THR A 765 7.22 8.06 21.93
C THR A 765 8.26 8.94 21.24
N PRO A 766 9.49 9.00 21.79
CA PRO A 766 10.49 9.92 21.24
C PRO A 766 10.86 9.57 19.79
N GLU A 767 10.80 8.30 19.43
CA GLU A 767 11.13 7.89 18.07
C GLU A 767 10.12 8.37 16.99
N ALA A 768 8.97 8.87 17.42
CA ALA A 768 7.98 9.45 16.50
C ALA A 768 8.41 10.81 15.99
N GLN A 769 9.58 11.26 16.38
CA GLN A 769 10.07 12.57 15.95
C GLN A 769 10.73 12.49 14.59
N CYS A 770 10.96 11.26 14.13
CA CYS A 770 11.49 10.99 12.81
C CYS A 770 12.79 11.75 12.52
N GLN A 771 13.73 11.66 13.43
CA GLN A 771 15.03 12.28 13.27
C GLN A 771 15.85 11.52 12.24
N GLY A 772 16.64 12.22 11.44
CA GLY A 772 17.48 11.56 10.46
C GLY A 772 17.15 11.94 9.03
N GLU A 773 17.90 11.34 8.11
CA GLU A 773 17.82 11.68 6.69
C GLU A 773 16.60 11.02 6.06
N TYR A 774 15.85 11.81 5.30
CA TYR A 774 14.66 11.34 4.57
C TYR A 774 14.75 11.77 3.12
N THR A 775 14.31 10.87 2.25
CA THR A 775 14.06 11.25 0.87
C THR A 775 12.63 10.91 0.46
N PHE A 776 11.90 11.92 0.02
CA PHE A 776 10.51 11.75 -0.41
C PHE A 776 10.41 11.80 -1.93
N LYS A 777 9.74 10.78 -2.49
CA LYS A 777 9.46 10.72 -3.94
C LYS A 777 7.99 10.96 -4.24
N TYR A 778 7.74 11.95 -5.09
CA TYR A 778 6.41 12.33 -5.53
C TYR A 778 6.49 12.98 -6.91
N GLY A 779 5.37 13.48 -7.42
CA GLY A 779 5.40 14.08 -8.75
C GLY A 779 4.14 14.75 -9.24
N LEU A 780 4.18 15.26 -10.46
CA LEU A 780 3.09 16.09 -10.95
C LEU A 780 2.76 15.77 -12.39
N SER A 781 1.48 15.89 -12.71
CA SER A 781 0.99 15.70 -14.09
C SER A 781 -0.19 16.62 -14.34
N LEU A 782 -0.17 17.33 -15.46
CA LEU A 782 -1.28 18.20 -15.83
C LEU A 782 -2.12 17.55 -16.90
N HIS A 783 -3.43 17.78 -16.87
CA HIS A 783 -4.30 17.31 -17.96
C HIS A 783 -5.30 18.36 -18.41
N GLY A 784 -6.00 18.06 -19.52
CA GLY A 784 -7.03 18.92 -20.06
C GLY A 784 -8.44 18.49 -19.68
N LYS A 785 -9.24 18.15 -20.70
CA LYS A 785 -10.65 17.75 -20.51
C LYS A 785 -10.71 16.55 -19.54
N PRO A 786 -11.77 16.44 -18.72
CA PRO A 786 -11.86 15.45 -17.64
C PRO A 786 -11.41 14.04 -18.00
N GLU A 787 -11.85 13.54 -19.15
CA GLU A 787 -11.46 12.19 -19.63
C GLU A 787 -9.95 11.89 -19.57
N GLU A 788 -9.10 12.88 -19.78
CA GLU A 788 -7.64 12.67 -19.76
C GLU A 788 -7.10 12.29 -18.38
N ARG A 789 -7.92 12.47 -17.36
CA ARG A 789 -7.59 12.12 -15.97
C ARG A 789 -6.97 10.73 -15.82
N PHE A 790 -7.60 9.78 -16.50
CA PHE A 790 -7.34 8.39 -16.21
C PHE A 790 -5.96 7.98 -16.67
N ALA A 791 -5.55 8.48 -17.83
CA ALA A 791 -4.20 8.24 -18.32
C ALA A 791 -3.17 8.76 -17.31
N THR A 792 -3.42 9.92 -16.72
CA THR A 792 -2.53 10.44 -15.65
C THR A 792 -2.51 9.53 -14.43
N TYR A 793 -3.65 8.88 -14.14
CA TYR A 793 -3.73 7.95 -13.03
C TYR A 793 -2.92 6.70 -13.33
N GLN A 794 -2.96 6.27 -14.59
CA GLN A 794 -2.27 5.03 -14.96
C GLN A 794 -0.78 5.23 -14.90
N GLN A 795 -0.34 6.39 -15.36
CA GLN A 795 1.08 6.73 -15.36
C GLN A 795 1.60 6.84 -13.93
N ALA A 796 0.75 7.35 -13.05
CA ALA A 796 1.06 7.48 -11.64
C ALA A 796 1.37 6.10 -11.07
N TYR A 797 0.56 5.11 -11.43
CA TYR A 797 0.85 3.72 -11.04
C TYR A 797 2.15 3.27 -11.66
N SER A 798 2.31 3.48 -12.96
CA SER A 798 3.47 3.00 -13.68
C SER A 798 4.74 3.60 -13.13
N ALA A 799 4.63 4.81 -12.60
CA ALA A 799 5.79 5.55 -12.09
C ALA A 799 6.37 4.87 -10.89
N GLN A 800 5.53 4.16 -10.13
CA GLN A 800 5.97 3.47 -8.92
C GLN A 800 6.58 2.13 -9.20
N ILE A 801 6.58 1.73 -10.47
CA ILE A 801 7.03 0.40 -10.82
C ILE A 801 8.18 0.58 -11.79
N PRO A 802 9.42 0.35 -11.34
CA PRO A 802 10.59 0.50 -12.21
C PRO A 802 10.70 -0.66 -13.18
N PHE A 803 11.43 -0.49 -14.28
CA PHE A 803 11.87 -1.65 -15.05
C PHE A 803 12.81 -2.52 -14.20
N THR A 804 12.90 -3.80 -14.54
CA THR A 804 13.88 -4.67 -13.94
C THR A 804 14.92 -4.87 -15.00
N ALA A 805 16.17 -4.79 -14.59
CA ALA A 805 17.27 -4.89 -15.51
C ALA A 805 18.19 -5.98 -15.00
N ALA A 806 18.44 -6.97 -15.87
CA ALA A 806 19.40 -8.00 -15.54
C ALA A 806 20.35 -8.17 -16.69
N THR A 807 21.60 -8.42 -16.37
CA THR A 807 22.60 -8.81 -17.33
C THR A 807 22.55 -10.33 -17.50
N THR A 808 23.12 -10.82 -18.61
CA THR A 808 23.41 -12.25 -18.82
C THR A 808 24.61 -12.45 -19.75
N ALA A 809 25.07 -13.69 -19.80
CA ALA A 809 26.09 -14.10 -20.76
C ALA A 809 25.47 -14.30 -22.16
N ARG A 810 26.34 -14.42 -23.16
CA ARG A 810 25.93 -14.93 -24.49
C ARG A 810 25.65 -16.42 -24.37
N HIS A 811 24.44 -16.83 -24.72
CA HIS A 811 24.06 -18.23 -24.69
C HIS A 811 22.84 -18.38 -25.58
N GLU A 812 22.63 -19.60 -26.08
CA GLU A 812 21.43 -19.86 -26.85
C GLU A 812 20.30 -20.16 -25.87
N GLY A 813 19.07 -19.98 -26.30
CA GLY A 813 17.93 -20.30 -25.44
C GLY A 813 16.65 -20.60 -26.19
N LYS A 814 15.65 -21.06 -25.44
CA LYS A 814 14.31 -21.37 -25.96
C LYS A 814 13.51 -20.09 -26.23
N LEU A 815 13.93 -19.00 -25.60
CA LEU A 815 13.09 -17.82 -25.61
C LEU A 815 13.57 -16.66 -26.49
N ALA A 816 12.61 -15.96 -27.06
CA ALA A 816 12.87 -14.82 -27.93
C ALA A 816 13.55 -13.67 -27.18
N PRO A 817 14.45 -12.95 -27.84
CA PRO A 817 15.06 -11.81 -27.15
C PRO A 817 14.12 -10.61 -27.03
N ASN A 818 13.03 -10.61 -27.80
CA ASN A 818 11.93 -9.68 -27.61
C ASN A 818 10.63 -10.46 -27.53
N HIS A 819 9.80 -10.15 -26.54
CA HIS A 819 8.58 -10.90 -26.28
C HIS A 819 7.54 -10.14 -25.45
N VAL A 820 6.27 -10.25 -25.84
CA VAL A 820 5.14 -9.73 -25.07
C VAL A 820 4.41 -10.90 -24.45
N TYR A 821 4.48 -11.00 -23.12
CA TYR A 821 3.91 -12.14 -22.37
C TYR A 821 2.40 -12.03 -22.26
N LEU A 822 1.93 -10.80 -22.06
CA LEU A 822 0.53 -10.51 -21.90
C LEU A 822 0.28 -9.28 -22.71
N THR A 823 -0.82 -9.33 -23.42
CA THR A 823 -1.17 -8.23 -24.23
C THR A 823 -2.51 -7.89 -23.64
N THR A 824 -2.63 -6.62 -23.30
CA THR A 824 -3.54 -6.15 -22.28
C THR A 824 -4.44 -5.20 -23.04
N ALA A 825 -5.65 -4.96 -22.54
CA ALA A 825 -6.56 -4.01 -23.19
C ALA A 825 -6.27 -2.57 -22.78
N GLU A 826 -6.26 -1.67 -23.76
CA GLU A 826 -6.07 -0.25 -23.48
C GLU A 826 -7.34 0.35 -22.85
N GLY A 827 -7.22 1.53 -22.24
CA GLY A 827 -8.34 2.16 -21.56
C GLY A 827 -8.11 2.33 -20.06
N PRO A 828 -9.09 2.88 -19.33
CA PRO A 828 -8.88 3.32 -17.94
C PRO A 828 -8.90 2.17 -16.93
N ILE A 829 -7.89 1.31 -16.96
CA ILE A 829 -7.87 0.11 -16.11
C ILE A 829 -6.67 0.11 -15.19
N GLY A 830 -6.92 -0.28 -13.94
CA GLY A 830 -5.84 -0.48 -12.99
C GLY A 830 -5.36 -1.91 -13.04
N TRP A 831 -4.09 -2.12 -13.38
CA TRP A 831 -3.51 -3.45 -13.40
C TRP A 831 -2.73 -3.76 -12.11
N THR A 832 -3.05 -4.88 -11.48
CA THR A 832 -2.89 -4.95 -10.05
C THR A 832 -2.13 -6.15 -9.54
N ALA A 833 -2.52 -7.34 -10.02
CA ALA A 833 -1.82 -8.59 -9.70
C ALA A 833 -1.52 -9.42 -10.95
N VAL A 834 -0.32 -9.97 -10.99
CA VAL A 834 -0.11 -11.17 -11.78
C VAL A 834 0.75 -12.17 -11.04
N LYS A 835 0.14 -13.32 -10.81
CA LYS A 835 0.73 -14.38 -10.05
C LYS A 835 0.18 -15.71 -10.53
N ARG A 836 0.40 -16.75 -9.73
CA ARG A 836 -0.12 -18.07 -10.04
C ARG A 836 -0.90 -18.64 -8.87
N GLN A 837 -1.73 -19.62 -9.16
CA GLN A 837 -2.60 -20.24 -8.18
C GLN A 837 -1.94 -21.39 -7.47
N GLU A 838 -2.40 -21.66 -6.27
CA GLU A 838 -1.65 -22.40 -5.26
C GLU A 838 -1.35 -23.87 -5.43
N GLN A 839 -2.18 -24.68 -5.99
CA GLN A 839 -1.73 -26.03 -6.17
C GLN A 839 -1.88 -26.20 -7.62
N THR A 840 -2.69 -25.34 -8.16
CA THR A 840 -3.04 -25.38 -9.53
C THR A 840 -1.93 -24.86 -10.42
N ASN A 841 -1.36 -23.74 -10.06
CA ASN A 841 -0.36 -23.12 -10.91
C ASN A 841 -0.96 -22.39 -12.09
N HIS A 842 -2.25 -22.27 -12.14
CA HIS A 842 -2.91 -21.45 -13.16
C HIS A 842 -2.39 -20.02 -13.02
N LEU A 843 -2.15 -19.36 -14.15
CA LEU A 843 -1.78 -17.96 -14.17
C LEU A 843 -2.98 -17.16 -13.72
N VAL A 844 -2.77 -16.28 -12.74
CA VAL A 844 -3.80 -15.38 -12.20
C VAL A 844 -3.42 -13.95 -12.57
N VAL A 845 -4.38 -13.21 -13.14
CA VAL A 845 -4.18 -11.79 -13.44
C VAL A 845 -5.40 -11.05 -12.91
N ARG A 846 -5.19 -9.88 -12.28
CA ARG A 846 -6.31 -9.08 -11.76
C ARG A 846 -6.17 -7.59 -12.01
N GLY A 847 -7.30 -6.96 -12.29
CA GLY A 847 -7.34 -5.54 -12.61
C GLY A 847 -8.64 -4.90 -12.20
N PHE A 848 -8.78 -3.60 -12.37
CA PHE A 848 -10.02 -2.98 -11.95
C PHE A 848 -10.41 -1.81 -12.82
N ASN A 849 -11.71 -1.54 -12.89
CA ASN A 849 -12.25 -0.43 -13.64
C ASN A 849 -12.18 0.89 -12.87
N LEU A 850 -11.40 1.82 -13.41
CA LEU A 850 -11.30 3.17 -12.89
C LEU A 850 -12.58 3.97 -13.07
N THR A 851 -13.47 3.51 -13.95
CA THR A 851 -14.61 4.34 -14.36
C THR A 851 -15.96 3.82 -13.97
N ALA A 852 -16.95 4.69 -14.11
CA ALA A 852 -18.36 4.34 -14.00
C ALA A 852 -18.92 3.72 -15.29
N GLN A 853 -18.08 3.47 -16.28
CA GLN A 853 -18.56 3.05 -17.62
C GLN A 853 -18.32 1.58 -17.92
N ASN A 854 -19.17 0.99 -18.78
CA ASN A 854 -18.90 -0.34 -19.32
C ASN A 854 -17.80 -0.23 -20.37
N ILE A 855 -16.78 -1.05 -20.22
CA ILE A 855 -15.51 -0.89 -20.93
C ILE A 855 -15.14 -2.18 -21.66
N PRO A 856 -14.93 -2.10 -22.99
CA PRO A 856 -14.35 -3.25 -23.70
C PRO A 856 -12.98 -3.60 -23.14
N CYS A 857 -12.82 -4.86 -22.78
CA CYS A 857 -11.60 -5.36 -22.17
C CYS A 857 -11.41 -6.80 -22.57
N GLU A 858 -10.29 -7.11 -23.23
CA GLU A 858 -9.96 -8.48 -23.56
C GLU A 858 -8.49 -8.75 -23.33
N LEU A 859 -8.19 -9.79 -22.56
CA LEU A 859 -6.82 -10.15 -22.19
C LEU A 859 -6.35 -11.37 -22.95
N HIS A 860 -5.08 -11.36 -23.37
CA HIS A 860 -4.45 -12.56 -23.94
C HIS A 860 -3.04 -12.80 -23.41
N LYS A 861 -2.70 -14.07 -23.24
CA LYS A 861 -1.36 -14.49 -22.91
C LYS A 861 -0.76 -15.19 -24.13
N GLU A 862 0.30 -14.61 -24.69
CA GLU A 862 0.71 -14.91 -26.06
C GLU A 862 -0.50 -14.74 -26.98
N THR A 863 -0.75 -15.76 -27.81
CA THR A 863 -2.00 -15.86 -28.56
C THR A 863 -3.20 -16.12 -27.62
N GLN A 864 -2.99 -16.96 -26.60
CA GLN A 864 -4.08 -17.63 -25.86
C GLN A 864 -5.06 -16.71 -25.12
N PRO A 865 -6.37 -17.00 -25.24
CA PRO A 865 -7.35 -16.25 -24.46
C PRO A 865 -7.54 -16.89 -23.09
N ALA A 866 -8.28 -16.20 -22.22
CA ALA A 866 -8.44 -16.62 -20.84
C ALA A 866 -9.52 -17.67 -20.72
N THR A 867 -9.34 -18.56 -19.76
CA THR A 867 -10.25 -19.68 -19.54
C THR A 867 -11.58 -19.20 -18.96
N CYS A 868 -11.51 -18.66 -17.74
CA CYS A 868 -12.70 -18.16 -17.06
C CYS A 868 -12.37 -16.88 -16.32
N LEU A 869 -13.40 -16.25 -15.76
CA LEU A 869 -13.22 -15.17 -14.83
C LEU A 869 -13.44 -15.71 -13.43
N THR A 870 -12.52 -15.37 -12.54
CA THR A 870 -12.64 -15.88 -11.19
C THR A 870 -12.95 -14.76 -10.23
N ASN A 871 -13.14 -15.12 -8.97
CA ASN A 871 -13.16 -14.11 -7.94
C ASN A 871 -11.77 -13.99 -7.33
N VAL A 872 -11.71 -13.26 -6.23
CA VAL A 872 -10.46 -12.89 -5.56
C VAL A 872 -9.78 -14.08 -4.84
N LEU A 873 -10.56 -15.11 -4.52
CA LEU A 873 -10.00 -16.36 -4.01
C LEU A 873 -9.62 -17.24 -5.19
N GLU A 874 -9.76 -16.69 -6.39
CA GLU A 874 -9.33 -17.38 -7.61
C GLU A 874 -10.26 -18.53 -8.04
N GLU A 875 -11.50 -18.53 -7.53
CA GLU A 875 -12.58 -19.46 -7.93
C GLU A 875 -13.51 -18.82 -8.98
N PRO A 876 -14.05 -19.62 -9.95
CA PRO A 876 -14.99 -19.14 -10.98
C PRO A 876 -16.21 -18.39 -10.42
N LEU A 877 -16.60 -17.32 -11.11
CA LEU A 877 -17.64 -16.43 -10.63
C LEU A 877 -19.01 -17.10 -10.59
N THR A 878 -19.84 -16.67 -9.63
CA THR A 878 -21.24 -17.12 -9.51
C THR A 878 -22.18 -15.95 -9.82
N PRO A 879 -22.77 -15.93 -11.04
CA PRO A 879 -22.72 -16.91 -12.15
C PRO A 879 -21.52 -16.73 -13.06
N ALA A 880 -21.41 -17.57 -14.08
CA ALA A 880 -20.32 -17.50 -15.05
C ALA A 880 -20.46 -16.30 -15.97
N ILE A 881 -19.56 -15.33 -15.80
CA ILE A 881 -19.41 -14.24 -16.77
C ILE A 881 -18.38 -14.63 -17.82
N GLU A 882 -18.66 -14.28 -19.06
CA GLU A 882 -17.78 -14.63 -20.16
C GLU A 882 -16.54 -13.77 -20.17
N VAL A 883 -15.40 -14.42 -20.42
CA VAL A 883 -14.10 -13.76 -20.55
C VAL A 883 -14.18 -12.59 -21.57
N ASP A 884 -15.02 -12.76 -22.58
CA ASP A 884 -15.17 -11.83 -23.71
C ASP A 884 -15.87 -10.51 -23.30
N ALA A 885 -16.52 -10.55 -22.14
CA ALA A 885 -17.52 -9.53 -21.75
C ALA A 885 -16.91 -8.20 -21.31
N PRO A 886 -17.62 -7.07 -21.57
CA PRO A 886 -17.13 -5.78 -21.11
C PRO A 886 -16.91 -5.76 -19.60
N LEU A 887 -15.88 -5.03 -19.19
CA LEU A 887 -15.59 -4.83 -17.79
C LEU A 887 -16.62 -3.85 -17.29
N ARG A 888 -17.47 -4.35 -16.39
CA ARG A 888 -18.53 -3.56 -15.77
C ARG A 888 -17.96 -2.33 -15.01
N PRO A 889 -18.82 -1.33 -14.73
CA PRO A 889 -18.41 -0.16 -13.93
C PRO A 889 -17.83 -0.51 -12.55
N PHE A 890 -16.62 -0.01 -12.26
CA PHE A 890 -15.91 -0.24 -10.99
C PHE A 890 -15.70 -1.72 -10.66
N GLU A 891 -15.65 -2.58 -11.68
CA GLU A 891 -15.47 -4.02 -11.52
C GLU A 891 -14.02 -4.33 -11.17
N ILE A 892 -13.82 -5.24 -10.22
CA ILE A 892 -12.50 -5.79 -9.94
C ILE A 892 -12.50 -7.16 -10.60
N ARG A 893 -11.71 -7.30 -11.66
CA ARG A 893 -11.77 -8.52 -12.43
C ARG A 893 -10.53 -9.33 -12.26
N THR A 894 -10.73 -10.64 -12.18
CA THR A 894 -9.64 -11.57 -12.08
C THR A 894 -9.78 -12.57 -13.22
N TRP A 895 -8.67 -12.82 -13.93
CA TRP A 895 -8.62 -13.79 -15.01
C TRP A 895 -7.85 -15.02 -14.61
N ARG A 896 -8.33 -16.19 -15.01
CA ARG A 896 -7.56 -17.41 -14.89
C ARG A 896 -7.09 -17.83 -16.27
N PHE A 897 -5.83 -18.28 -16.35
CA PHE A 897 -5.26 -18.79 -17.59
C PHE A 897 -4.77 -20.22 -17.39
N GLU A 898 -5.50 -21.20 -17.93
CA GLU A 898 -5.12 -22.61 -17.77
C GLU A 898 -4.40 -23.10 -19.01
CA CA B . -38.02 -17.26 28.41
#